data_2DAN
#
_entry.id   2DAN
#
loop_
_entity.id
_entity.type
_entity.pdbx_description
1 polymer 'Zinc finger MYND domain containing protein 10'
2 non-polymer 'ZINC ION'
#
_entity_poly.entity_id   1
_entity_poly.type   'polypeptide(L)'
_entity_poly.pdbx_seq_one_letter_code
;GSSGSSGLEAVAPERPRCAYCSAEASKRCSRCQNEWYCCRECQVKHWEKHGKTCSGPSSG
;
_entity_poly.pdbx_strand_id   A
#
# COMPACT_ATOMS: atom_id res chain seq x y z
N GLY A 1 10.44 -31.26 -22.04
CA GLY A 1 9.39 -30.26 -22.12
C GLY A 1 9.28 -29.67 -23.51
N SER A 2 8.25 -28.85 -23.71
CA SER A 2 8.02 -28.22 -25.01
C SER A 2 8.21 -26.70 -24.92
N SER A 3 7.52 -26.09 -23.97
CA SER A 3 7.60 -24.65 -23.76
C SER A 3 8.87 -24.28 -23.00
N GLY A 4 9.17 -25.04 -21.95
CA GLY A 4 10.34 -24.77 -21.15
C GLY A 4 10.19 -23.52 -20.30
N SER A 5 11.19 -23.27 -19.45
CA SER A 5 11.16 -22.10 -18.56
C SER A 5 11.54 -20.85 -19.34
N SER A 6 10.96 -19.71 -18.92
CA SER A 6 11.23 -18.44 -19.57
C SER A 6 12.58 -17.88 -19.13
N GLY A 7 12.81 -17.86 -17.82
CA GLY A 7 14.06 -17.35 -17.29
C GLY A 7 14.18 -17.55 -15.80
N LEU A 8 15.42 -17.64 -15.31
CA LEU A 8 15.67 -17.84 -13.89
C LEU A 8 16.18 -16.56 -13.24
N GLU A 9 15.31 -15.90 -12.48
CA GLU A 9 15.67 -14.65 -11.82
C GLU A 9 14.97 -14.53 -10.46
N ALA A 10 15.58 -13.82 -9.53
CA ALA A 10 15.01 -13.63 -8.21
C ALA A 10 13.69 -12.86 -8.29
N VAL A 11 12.59 -13.60 -8.33
CA VAL A 11 11.26 -12.99 -8.41
C VAL A 11 10.62 -12.89 -7.03
N ALA A 12 10.61 -11.68 -6.47
CA ALA A 12 10.02 -11.46 -5.16
C ALA A 12 8.72 -10.69 -5.26
N PRO A 13 7.80 -10.92 -4.32
CA PRO A 13 6.50 -10.26 -4.28
C PRO A 13 6.61 -8.78 -3.92
N GLU A 14 5.49 -8.17 -3.54
CA GLU A 14 5.46 -6.76 -3.19
C GLU A 14 4.26 -6.45 -2.31
N ARG A 15 4.27 -5.26 -1.70
CA ARG A 15 3.18 -4.84 -0.83
C ARG A 15 3.19 -3.33 -0.64
N PRO A 16 2.00 -2.75 -0.44
CA PRO A 16 1.84 -1.31 -0.24
C PRO A 16 2.40 -0.83 1.09
N ARG A 17 2.02 0.37 1.50
CA ARG A 17 2.48 0.94 2.76
C ARG A 17 1.44 1.88 3.34
N CYS A 18 1.23 1.79 4.66
CA CYS A 18 0.27 2.64 5.35
C CYS A 18 0.54 4.11 5.07
N ALA A 19 -0.45 4.96 5.32
CA ALA A 19 -0.33 6.39 5.10
C ALA A 19 -0.23 7.14 6.42
N TYR A 20 -0.15 6.40 7.52
CA TYR A 20 -0.07 6.99 8.84
C TYR A 20 1.16 6.48 9.58
N CYS A 21 1.44 5.18 9.45
CA CYS A 21 2.59 4.57 10.10
C CYS A 21 3.58 4.04 9.07
N SER A 22 3.18 4.05 7.80
CA SER A 22 4.03 3.57 6.72
C SER A 22 4.38 2.10 6.92
N ALA A 23 3.40 1.32 7.38
CA ALA A 23 3.61 -0.10 7.62
C ALA A 23 2.92 -0.94 6.53
N GLU A 24 3.45 -2.14 6.31
CA GLU A 24 2.89 -3.04 5.30
C GLU A 24 1.36 -3.02 5.35
N ALA A 25 0.76 -2.44 4.31
CA ALA A 25 -0.69 -2.36 4.23
C ALA A 25 -1.27 -3.54 3.47
N SER A 26 -2.51 -3.89 3.78
CA SER A 26 -3.18 -5.02 3.13
C SER A 26 -4.48 -4.58 2.49
N LYS A 27 -5.15 -3.60 3.11
CA LYS A 27 -6.41 -3.09 2.61
C LYS A 27 -6.27 -1.63 2.17
N ARG A 28 -7.04 -1.24 1.16
CA ARG A 28 -6.99 0.12 0.65
C ARG A 28 -8.24 0.89 1.07
N CYS A 29 -8.20 2.21 0.90
CA CYS A 29 -9.33 3.07 1.26
C CYS A 29 -10.60 2.62 0.55
N SER A 30 -11.58 2.20 1.33
CA SER A 30 -12.86 1.73 0.78
C SER A 30 -13.66 2.90 0.21
N ARG A 31 -13.09 4.10 0.29
CA ARG A 31 -13.75 5.29 -0.21
C ARG A 31 -13.31 5.60 -1.63
N CYS A 32 -12.00 5.55 -1.87
CA CYS A 32 -11.45 5.82 -3.18
C CYS A 32 -10.57 4.66 -3.66
N GLN A 33 -10.10 3.85 -2.71
CA GLN A 33 -9.26 2.71 -3.03
C GLN A 33 -7.96 3.16 -3.70
N ASN A 34 -7.54 4.38 -3.39
CA ASN A 34 -6.31 4.93 -3.96
C ASN A 34 -5.23 5.09 -2.89
N GLU A 35 -5.56 4.68 -1.66
CA GLU A 35 -4.63 4.78 -0.55
C GLU A 35 -4.48 3.43 0.15
N TRP A 36 -3.46 3.32 1.00
CA TRP A 36 -3.21 2.09 1.73
C TRP A 36 -3.14 2.35 3.24
N TYR A 37 -3.55 1.36 4.02
CA TYR A 37 -3.53 1.49 5.48
C TYR A 37 -3.47 0.11 6.14
N CYS A 38 -2.42 -0.09 6.94
CA CYS A 38 -2.24 -1.36 7.63
C CYS A 38 -3.45 -1.69 8.51
N CYS A 39 -4.01 -0.65 9.13
CA CYS A 39 -5.18 -0.82 9.99
C CYS A 39 -6.19 0.28 9.76
N ARG A 40 -7.44 0.01 10.12
CA ARG A 40 -8.51 0.99 9.95
C ARG A 40 -8.19 2.29 10.69
N GLU A 41 -7.77 2.17 11.94
CA GLU A 41 -7.43 3.33 12.75
C GLU A 41 -6.57 4.31 11.96
N CYS A 42 -5.46 3.80 11.40
CA CYS A 42 -4.55 4.63 10.63
C CYS A 42 -5.30 5.39 9.53
N GLN A 43 -6.12 4.67 8.77
CA GLN A 43 -6.89 5.26 7.69
C GLN A 43 -7.81 6.35 8.22
N VAL A 44 -7.97 6.40 9.54
CA VAL A 44 -8.83 7.39 10.17
C VAL A 44 -8.00 8.55 10.72
N LYS A 45 -6.78 8.25 11.15
CA LYS A 45 -5.89 9.26 11.70
C LYS A 45 -5.35 10.18 10.60
N HIS A 46 -4.89 9.57 9.51
CA HIS A 46 -4.36 10.32 8.38
C HIS A 46 -5.49 10.97 7.59
N TRP A 47 -6.72 10.53 7.84
CA TRP A 47 -7.88 11.08 7.15
C TRP A 47 -7.72 12.57 6.89
N GLU A 48 -7.57 13.33 7.97
CA GLU A 48 -7.41 14.79 7.87
C GLU A 48 -6.58 15.15 6.63
N LYS A 49 -5.53 14.37 6.39
CA LYS A 49 -4.65 14.62 5.24
C LYS A 49 -5.17 13.89 4.01
N HIS A 50 -5.70 12.69 4.21
CA HIS A 50 -6.24 11.89 3.11
C HIS A 50 -7.54 12.49 2.58
N GLY A 51 -8.55 12.53 3.43
CA GLY A 51 -9.83 13.09 3.02
C GLY A 51 -9.68 14.28 2.10
N LYS A 52 -8.57 14.99 2.24
CA LYS A 52 -8.31 16.16 1.40
C LYS A 52 -8.51 15.83 -0.07
N THR A 53 -7.87 14.76 -0.53
CA THR A 53 -7.97 14.34 -1.92
C THR A 53 -8.82 13.09 -2.05
N CYS A 54 -9.18 12.50 -0.92
CA CYS A 54 -10.01 11.30 -0.91
C CYS A 54 -11.18 11.44 -1.87
N SER A 55 -11.83 10.32 -2.19
CA SER A 55 -12.96 10.32 -3.09
C SER A 55 -12.58 10.86 -4.46
N GLY A 56 -11.38 10.49 -4.92
CA GLY A 56 -10.91 10.95 -6.21
C GLY A 56 -11.82 10.54 -7.34
N PRO A 57 -11.38 9.55 -8.14
CA PRO A 57 -12.16 9.04 -9.27
C PRO A 57 -13.40 8.27 -8.83
N SER A 58 -14.45 8.99 -8.49
CA SER A 58 -15.69 8.37 -8.05
C SER A 58 -15.96 7.08 -8.84
N SER A 59 -16.39 6.05 -8.12
CA SER A 59 -16.69 4.77 -8.74
C SER A 59 -17.30 3.80 -7.73
N GLY A 60 -18.21 2.96 -8.20
CA GLY A 60 -18.87 2.00 -7.33
C GLY A 60 -17.93 1.46 -6.27
N GLY A 1 33.60 -27.07 -25.73
CA GLY A 1 32.19 -26.74 -25.57
C GLY A 1 31.98 -25.25 -25.35
N SER A 2 30.73 -24.87 -25.07
CA SER A 2 30.39 -23.47 -24.85
C SER A 2 29.18 -23.35 -23.93
N SER A 3 28.88 -22.12 -23.53
CA SER A 3 27.74 -21.86 -22.64
C SER A 3 26.80 -20.83 -23.26
N GLY A 4 25.56 -20.81 -22.77
CA GLY A 4 24.58 -19.87 -23.28
C GLY A 4 23.24 -20.02 -22.61
N SER A 5 23.11 -19.41 -21.43
CA SER A 5 21.87 -19.46 -20.67
C SER A 5 21.65 -18.19 -19.87
N SER A 6 20.66 -17.40 -20.27
CA SER A 6 20.35 -16.14 -19.59
C SER A 6 19.84 -16.40 -18.18
N GLY A 7 20.42 -15.70 -17.21
CA GLY A 7 20.01 -15.86 -15.83
C GLY A 7 19.27 -14.65 -15.29
N LEU A 8 18.31 -14.15 -16.06
CA LEU A 8 17.53 -12.99 -15.67
C LEU A 8 16.12 -13.39 -15.27
N GLU A 9 16.00 -14.52 -14.56
CA GLU A 9 14.71 -15.01 -14.12
C GLU A 9 14.53 -14.83 -12.62
N ALA A 10 13.94 -13.70 -12.22
CA ALA A 10 13.73 -13.41 -10.81
C ALA A 10 12.43 -12.63 -10.62
N VAL A 11 11.42 -13.30 -10.07
CA VAL A 11 10.13 -12.67 -9.83
C VAL A 11 9.87 -12.49 -8.34
N ALA A 12 10.00 -11.25 -7.87
CA ALA A 12 9.79 -10.95 -6.46
C ALA A 12 8.40 -10.34 -6.23
N PRO A 13 7.84 -10.58 -5.05
CA PRO A 13 6.51 -10.07 -4.68
C PRO A 13 6.51 -8.56 -4.47
N GLU A 14 5.47 -8.05 -3.83
CA GLU A 14 5.35 -6.62 -3.57
C GLU A 14 4.18 -6.34 -2.64
N ARG A 15 4.20 -5.16 -2.01
CA ARG A 15 3.14 -4.76 -1.09
C ARG A 15 3.12 -3.25 -0.90
N PRO A 16 1.92 -2.70 -0.66
CA PRO A 16 1.74 -1.26 -0.46
C PRO A 16 2.33 -0.78 0.85
N ARG A 17 1.93 0.41 1.28
CA ARG A 17 2.42 0.98 2.54
C ARG A 17 1.39 1.93 3.13
N CYS A 18 1.22 1.86 4.45
CA CYS A 18 0.27 2.71 5.15
C CYS A 18 0.56 4.19 4.87
N ALA A 19 -0.45 5.03 5.09
CA ALA A 19 -0.30 6.46 4.88
C ALA A 19 -0.18 7.22 6.19
N TYR A 20 -0.14 6.46 7.29
CA TYR A 20 -0.04 7.06 8.62
C TYR A 20 1.20 6.55 9.35
N CYS A 21 1.46 5.26 9.22
CA CYS A 21 2.62 4.64 9.87
C CYS A 21 3.61 4.12 8.83
N SER A 22 3.19 4.12 7.56
CA SER A 22 4.03 3.65 6.47
C SER A 22 4.40 2.18 6.68
N ALA A 23 3.43 1.38 7.10
CA ALA A 23 3.65 -0.04 7.34
C ALA A 23 2.94 -0.88 6.29
N GLU A 24 3.41 -2.11 6.10
CA GLU A 24 2.83 -3.02 5.12
C GLU A 24 1.30 -2.97 5.18
N ALA A 25 0.70 -2.39 4.15
CA ALA A 25 -0.76 -2.28 4.09
C ALA A 25 -1.37 -3.50 3.40
N SER A 26 -2.63 -3.78 3.73
CA SER A 26 -3.33 -4.92 3.16
C SER A 26 -4.65 -4.49 2.53
N LYS A 27 -5.29 -3.50 3.14
CA LYS A 27 -6.56 -2.99 2.64
C LYS A 27 -6.45 -1.52 2.24
N ARG A 28 -7.08 -1.16 1.13
CA ARG A 28 -7.04 0.22 0.65
C ARG A 28 -8.29 0.98 1.08
N CYS A 29 -8.26 2.30 0.93
CA CYS A 29 -9.39 3.15 1.29
C CYS A 29 -10.67 2.67 0.61
N SER A 30 -11.62 2.20 1.40
CA SER A 30 -12.89 1.72 0.87
C SER A 30 -13.73 2.87 0.32
N ARG A 31 -13.20 4.09 0.45
CA ARG A 31 -13.90 5.27 -0.03
C ARG A 31 -13.51 5.60 -1.47
N CYS A 32 -12.21 5.56 -1.75
CA CYS A 32 -11.71 5.85 -3.09
C CYS A 32 -10.82 4.72 -3.59
N GLN A 33 -10.28 3.94 -2.66
CA GLN A 33 -9.40 2.83 -3.01
C GLN A 33 -8.14 3.32 -3.70
N ASN A 34 -7.72 4.54 -3.37
CA ASN A 34 -6.52 5.12 -3.96
C ASN A 34 -5.41 5.25 -2.92
N GLU A 35 -5.70 4.81 -1.69
CA GLU A 35 -4.72 4.88 -0.61
C GLU A 35 -4.58 3.53 0.08
N TRP A 36 -3.52 3.38 0.87
CA TRP A 36 -3.27 2.13 1.58
C TRP A 36 -3.18 2.38 3.09
N TYR A 37 -3.55 1.37 3.87
CA TYR A 37 -3.52 1.48 5.32
C TYR A 37 -3.40 0.10 5.97
N CYS A 38 -2.41 -0.06 6.84
CA CYS A 38 -2.20 -1.32 7.53
C CYS A 38 -3.38 -1.67 8.43
N CYS A 39 -3.98 -0.64 9.03
CA CYS A 39 -5.12 -0.83 9.92
C CYS A 39 -6.18 0.24 9.68
N ARG A 40 -7.35 0.04 10.27
CA ARG A 40 -8.44 1.00 10.12
C ARG A 40 -8.11 2.32 10.82
N GLU A 41 -7.60 2.22 12.04
CA GLU A 41 -7.24 3.41 12.81
C GLU A 41 -6.42 4.38 11.97
N CYS A 42 -5.35 3.89 11.36
CA CYS A 42 -4.50 4.71 10.52
C CYS A 42 -5.31 5.42 9.44
N GLN A 43 -6.09 4.65 8.70
CA GLN A 43 -6.91 5.21 7.63
C GLN A 43 -7.83 6.29 8.17
N VAL A 44 -7.96 6.35 9.49
CA VAL A 44 -8.82 7.35 10.13
C VAL A 44 -8.00 8.49 10.70
N LYS A 45 -6.80 8.17 11.19
CA LYS A 45 -5.90 9.18 11.76
C LYS A 45 -5.38 10.12 10.68
N HIS A 46 -4.90 9.54 9.59
CA HIS A 46 -4.37 10.33 8.48
C HIS A 46 -5.50 10.94 7.66
N TRP A 47 -6.72 10.53 7.95
CA TRP A 47 -7.89 11.05 7.23
C TRP A 47 -7.78 12.55 7.03
N GLU A 48 -7.74 13.29 8.13
CA GLU A 48 -7.63 14.75 8.07
C GLU A 48 -6.74 15.18 6.90
N LYS A 49 -5.78 14.33 6.56
CA LYS A 49 -4.86 14.63 5.47
C LYS A 49 -5.30 13.92 4.18
N HIS A 50 -5.81 12.71 4.33
CA HIS A 50 -6.28 11.93 3.19
C HIS A 50 -7.54 12.54 2.59
N GLY A 51 -8.58 12.67 3.41
CA GLY A 51 -9.83 13.25 2.93
C GLY A 51 -9.62 14.33 1.90
N LYS A 52 -8.52 15.07 2.04
CA LYS A 52 -8.20 16.15 1.11
C LYS A 52 -8.30 15.66 -0.34
N THR A 53 -7.62 14.55 -0.63
CA THR A 53 -7.63 13.99 -1.98
C THR A 53 -8.59 12.81 -2.07
N CYS A 54 -9.04 12.32 -0.92
CA CYS A 54 -9.96 11.20 -0.87
C CYS A 54 -11.10 11.39 -1.86
N SER A 55 -11.84 10.31 -2.12
CA SER A 55 -12.96 10.35 -3.06
C SER A 55 -12.48 10.79 -4.44
N GLY A 56 -11.32 10.29 -4.85
CA GLY A 56 -10.79 10.63 -6.15
C GLY A 56 -11.62 10.09 -7.29
N PRO A 57 -11.02 9.21 -8.11
CA PRO A 57 -11.71 8.59 -9.25
C PRO A 57 -12.78 7.61 -8.82
N SER A 58 -13.02 7.52 -7.52
CA SER A 58 -14.02 6.61 -6.98
C SER A 58 -15.19 6.47 -7.94
N SER A 59 -15.84 7.58 -8.25
CA SER A 59 -16.99 7.58 -9.16
C SER A 59 -16.58 7.12 -10.55
N GLY A 60 -16.64 5.80 -10.76
CA GLY A 60 -16.27 5.25 -12.06
C GLY A 60 -15.07 5.94 -12.67
N GLY A 1 35.13 -20.37 -24.36
CA GLY A 1 34.24 -21.38 -23.82
C GLY A 1 32.96 -21.53 -24.62
N SER A 2 31.96 -22.14 -24.03
CA SER A 2 30.68 -22.35 -24.70
C SER A 2 29.57 -21.60 -23.98
N SER A 3 28.42 -21.47 -24.66
CA SER A 3 27.28 -20.76 -24.09
C SER A 3 26.74 -21.50 -22.87
N GLY A 4 26.13 -20.75 -21.96
CA GLY A 4 25.59 -21.34 -20.75
C GLY A 4 24.07 -21.44 -20.79
N SER A 5 23.52 -22.31 -19.95
CA SER A 5 22.07 -22.50 -19.90
C SER A 5 21.55 -22.25 -18.49
N SER A 6 21.07 -21.04 -18.25
CA SER A 6 20.53 -20.68 -16.93
C SER A 6 19.63 -19.46 -17.04
N GLY A 7 18.49 -19.52 -16.34
CA GLY A 7 17.55 -18.41 -16.37
C GLY A 7 17.21 -17.90 -14.98
N LEU A 8 18.00 -16.96 -14.48
CA LEU A 8 17.78 -16.40 -13.17
C LEU A 8 16.53 -15.51 -13.14
N GLU A 9 15.41 -16.10 -12.77
CA GLU A 9 14.15 -15.36 -12.71
C GLU A 9 13.57 -15.37 -11.30
N ALA A 10 14.11 -14.52 -10.44
CA ALA A 10 13.65 -14.43 -9.06
C ALA A 10 12.33 -13.68 -8.97
N VAL A 11 11.23 -14.42 -9.00
CA VAL A 11 9.90 -13.82 -8.92
C VAL A 11 9.42 -13.72 -7.47
N ALA A 12 9.39 -12.50 -6.95
CA ALA A 12 8.94 -12.27 -5.59
C ALA A 12 7.71 -11.38 -5.54
N PRO A 13 6.87 -11.59 -4.52
CA PRO A 13 5.63 -10.81 -4.35
C PRO A 13 5.91 -9.36 -3.95
N GLU A 14 4.88 -8.68 -3.47
CA GLU A 14 5.02 -7.29 -3.06
C GLU A 14 3.83 -6.85 -2.21
N ARG A 15 3.97 -5.72 -1.52
CA ARG A 15 2.91 -5.20 -0.68
C ARG A 15 3.00 -3.69 -0.56
N PRO A 16 1.84 -3.02 -0.43
CA PRO A 16 1.75 -1.57 -0.31
C PRO A 16 2.31 -1.06 1.02
N ARG A 17 1.98 0.18 1.36
CA ARG A 17 2.44 0.77 2.62
C ARG A 17 1.39 1.72 3.19
N CYS A 18 1.24 1.71 4.50
CA CYS A 18 0.27 2.55 5.18
C CYS A 18 0.52 4.02 4.86
N ALA A 19 -0.47 4.87 5.16
CA ALA A 19 -0.35 6.30 4.91
C ALA A 19 -0.23 7.09 6.21
N TYR A 20 -0.15 6.36 7.32
CA TYR A 20 -0.04 7.00 8.63
C TYR A 20 1.21 6.51 9.37
N CYS A 21 1.47 5.21 9.26
CA CYS A 21 2.64 4.60 9.91
C CYS A 21 3.63 4.07 8.88
N SER A 22 3.20 4.04 7.62
CA SER A 22 4.05 3.55 6.54
C SER A 22 4.42 2.09 6.76
N ALA A 23 3.44 1.31 7.23
CA ALA A 23 3.66 -0.11 7.48
C ALA A 23 2.98 -0.98 6.43
N GLU A 24 3.43 -2.21 6.28
CA GLU A 24 2.86 -3.13 5.31
C GLU A 24 1.33 -3.08 5.34
N ALA A 25 0.75 -2.52 4.29
CA ALA A 25 -0.71 -2.41 4.19
C ALA A 25 -1.30 -3.58 3.42
N SER A 26 -2.55 -3.91 3.72
CA SER A 26 -3.23 -5.01 3.05
C SER A 26 -4.57 -4.56 2.48
N LYS A 27 -5.17 -3.57 3.12
CA LYS A 27 -6.46 -3.04 2.68
C LYS A 27 -6.32 -1.60 2.19
N ARG A 28 -7.11 -1.24 1.19
CA ARG A 28 -7.08 0.10 0.63
C ARG A 28 -8.26 0.93 1.12
N CYS A 29 -8.18 2.25 0.92
CA CYS A 29 -9.24 3.15 1.35
C CYS A 29 -10.57 2.74 0.74
N SER A 30 -11.53 2.37 1.59
CA SER A 30 -12.85 1.95 1.13
C SER A 30 -13.63 3.14 0.58
N ARG A 31 -13.03 4.33 0.67
CA ARG A 31 -13.67 5.54 0.18
C ARG A 31 -13.35 5.78 -1.29
N CYS A 32 -12.06 5.64 -1.62
CA CYS A 32 -11.61 5.84 -2.99
C CYS A 32 -10.82 4.64 -3.49
N GLN A 33 -10.22 3.91 -2.55
CA GLN A 33 -9.44 2.73 -2.90
C GLN A 33 -8.16 3.11 -3.63
N ASN A 34 -7.68 4.32 -3.37
CA ASN A 34 -6.47 4.82 -4.01
C ASN A 34 -5.33 4.95 -2.99
N GLU A 35 -5.61 4.56 -1.75
CA GLU A 35 -4.61 4.64 -0.68
C GLU A 35 -4.47 3.30 0.02
N TRP A 36 -3.49 3.21 0.91
CA TRP A 36 -3.23 1.98 1.65
C TRP A 36 -3.16 2.26 3.15
N TYR A 37 -3.55 1.26 3.96
CA TYR A 37 -3.53 1.41 5.41
C TYR A 37 -3.44 0.05 6.08
N CYS A 38 -2.40 -0.14 6.89
CA CYS A 38 -2.20 -1.40 7.60
C CYS A 38 -3.40 -1.73 8.48
N CYS A 39 -4.00 -0.69 9.07
CA CYS A 39 -5.14 -0.86 9.94
C CYS A 39 -6.20 0.21 9.67
N ARG A 40 -7.38 0.03 10.25
CA ARG A 40 -8.48 0.98 10.07
C ARG A 40 -8.16 2.30 10.75
N GLU A 41 -7.67 2.23 11.99
CA GLU A 41 -7.33 3.42 12.76
C GLU A 41 -6.48 4.37 11.92
N CYS A 42 -5.39 3.86 11.37
CA CYS A 42 -4.49 4.67 10.55
C CYS A 42 -5.27 5.38 9.45
N GLN A 43 -6.08 4.62 8.72
CA GLN A 43 -6.87 5.19 7.63
C GLN A 43 -7.78 6.31 8.14
N VAL A 44 -7.96 6.36 9.45
CA VAL A 44 -8.80 7.38 10.07
C VAL A 44 -7.96 8.54 10.58
N LYS A 45 -6.80 8.22 11.15
CA LYS A 45 -5.91 9.24 11.69
C LYS A 45 -5.38 10.14 10.58
N HIS A 46 -4.91 9.52 9.49
CA HIS A 46 -4.38 10.27 8.36
C HIS A 46 -5.51 10.93 7.57
N TRP A 47 -6.73 10.52 7.83
CA TRP A 47 -7.89 11.06 7.14
C TRP A 47 -7.76 12.57 6.97
N GLU A 48 -7.62 13.28 8.10
CA GLU A 48 -7.48 14.74 8.08
C GLU A 48 -6.66 15.18 6.87
N LYS A 49 -5.67 14.38 6.49
CA LYS A 49 -4.81 14.68 5.36
C LYS A 49 -5.31 13.99 4.10
N HIS A 50 -5.82 12.77 4.26
CA HIS A 50 -6.33 12.00 3.14
C HIS A 50 -7.62 12.62 2.59
N GLY A 51 -8.62 12.71 3.45
CA GLY A 51 -9.89 13.28 3.04
C GLY A 51 -9.73 14.38 2.01
N LYS A 52 -8.64 15.14 2.13
CA LYS A 52 -8.37 16.24 1.21
C LYS A 52 -8.40 15.74 -0.24
N THR A 53 -7.68 14.66 -0.51
CA THR A 53 -7.62 14.10 -1.85
C THR A 53 -8.48 12.84 -1.95
N CYS A 54 -8.99 12.38 -0.82
CA CYS A 54 -9.82 11.20 -0.78
C CYS A 54 -10.92 11.25 -1.85
N SER A 55 -11.55 10.12 -2.10
CA SER A 55 -12.61 10.04 -3.10
C SER A 55 -12.05 10.21 -4.50
N GLY A 56 -10.77 9.84 -4.67
CA GLY A 56 -10.13 9.96 -5.97
C GLY A 56 -10.83 9.14 -7.04
N PRO A 57 -11.34 9.81 -8.07
CA PRO A 57 -12.04 9.15 -9.17
C PRO A 57 -11.10 8.34 -10.06
N SER A 58 -11.62 7.85 -11.18
CA SER A 58 -10.83 7.05 -12.10
C SER A 58 -9.38 7.54 -12.14
N SER A 59 -9.21 8.83 -12.42
CA SER A 59 -7.88 9.43 -12.49
C SER A 59 -7.07 9.10 -11.24
N GLY A 60 -6.25 8.06 -11.32
CA GLY A 60 -5.43 7.66 -10.19
C GLY A 60 -3.95 7.78 -10.48
N GLY A 1 35.19 -29.55 -0.12
CA GLY A 1 35.41 -29.90 1.28
C GLY A 1 34.32 -29.36 2.19
N SER A 2 34.01 -28.08 2.03
CA SER A 2 32.98 -27.44 2.85
C SER A 2 31.68 -27.27 2.06
N SER A 3 30.60 -27.86 2.57
CA SER A 3 29.31 -27.78 1.90
C SER A 3 28.51 -26.60 2.43
N GLY A 4 29.18 -25.46 2.61
CA GLY A 4 28.50 -24.28 3.11
C GLY A 4 28.08 -23.35 1.99
N SER A 5 27.39 -23.89 1.00
CA SER A 5 26.92 -23.09 -0.13
C SER A 5 25.42 -22.86 -0.06
N SER A 6 25.02 -21.86 0.73
CA SER A 6 23.62 -21.52 0.88
C SER A 6 23.13 -20.61 -0.23
N GLY A 7 21.91 -20.83 -0.69
CA GLY A 7 21.34 -20.03 -1.75
C GLY A 7 20.76 -18.73 -1.25
N LEU A 8 21.02 -17.64 -1.97
CA LEU A 8 20.51 -16.33 -1.58
C LEU A 8 19.49 -15.82 -2.59
N GLU A 9 18.61 -16.71 -3.04
CA GLU A 9 17.58 -16.35 -4.01
C GLU A 9 16.36 -15.76 -3.32
N ALA A 10 16.57 -15.19 -2.14
CA ALA A 10 15.49 -14.58 -1.38
C ALA A 10 14.60 -13.72 -2.26
N VAL A 11 13.47 -14.29 -2.69
CA VAL A 11 12.54 -13.57 -3.55
C VAL A 11 11.21 -13.32 -2.83
N ALA A 12 10.93 -12.05 -2.55
CA ALA A 12 9.70 -11.67 -1.87
C ALA A 12 8.77 -10.90 -2.79
N PRO A 13 7.46 -11.03 -2.57
CA PRO A 13 6.44 -10.35 -3.38
C PRO A 13 6.43 -8.85 -3.14
N GLU A 14 5.35 -8.18 -3.57
CA GLU A 14 5.22 -6.75 -3.40
C GLU A 14 4.04 -6.41 -2.50
N ARG A 15 4.14 -5.28 -1.81
CA ARG A 15 3.07 -4.84 -0.90
C ARG A 15 3.10 -3.33 -0.72
N PRO A 16 1.91 -2.73 -0.53
CA PRO A 16 1.77 -1.29 -0.34
C PRO A 16 2.34 -0.83 1.00
N ARG A 17 1.97 0.38 1.41
CA ARG A 17 2.43 0.95 2.67
C ARG A 17 1.38 1.90 3.26
N CYS A 18 1.25 1.85 4.58
CA CYS A 18 0.29 2.70 5.27
C CYS A 18 0.57 4.18 5.00
N ALA A 19 -0.42 5.03 5.27
CA ALA A 19 -0.28 6.46 5.05
C ALA A 19 -0.19 7.21 6.39
N TYR A 20 -0.16 6.45 7.48
CA TYR A 20 -0.08 7.05 8.81
C TYR A 20 1.15 6.54 9.55
N CYS A 21 1.44 5.25 9.41
CA CYS A 21 2.58 4.64 10.07
C CYS A 21 3.59 4.11 9.05
N SER A 22 3.18 4.12 7.78
CA SER A 22 4.05 3.65 6.71
C SER A 22 4.41 2.18 6.91
N ALA A 23 3.42 1.38 7.29
CA ALA A 23 3.64 -0.05 7.52
C ALA A 23 2.95 -0.89 6.44
N GLU A 24 3.47 -2.10 6.23
CA GLU A 24 2.90 -3.00 5.23
C GLU A 24 1.38 -2.97 5.27
N ALA A 25 0.77 -2.40 4.24
CA ALA A 25 -0.68 -2.31 4.15
C ALA A 25 -1.26 -3.48 3.37
N SER A 26 -2.51 -3.82 3.65
CA SER A 26 -3.18 -4.93 2.97
C SER A 26 -4.52 -4.48 2.39
N LYS A 27 -5.14 -3.50 3.03
CA LYS A 27 -6.43 -2.99 2.59
C LYS A 27 -6.29 -1.53 2.13
N ARG A 28 -7.14 -1.14 1.17
CA ARG A 28 -7.12 0.21 0.65
C ARG A 28 -8.36 0.99 1.10
N CYS A 29 -8.32 2.31 0.92
CA CYS A 29 -9.44 3.16 1.31
C CYS A 29 -10.73 2.71 0.62
N SER A 30 -11.70 2.30 1.42
CA SER A 30 -12.98 1.84 0.88
C SER A 30 -13.78 3.01 0.32
N ARG A 31 -13.21 4.21 0.41
CA ARG A 31 -13.87 5.41 -0.09
C ARG A 31 -13.46 5.70 -1.54
N CYS A 32 -12.15 5.63 -1.79
CA CYS A 32 -11.62 5.90 -3.12
C CYS A 32 -10.76 4.73 -3.61
N GLN A 33 -10.26 3.94 -2.66
CA GLN A 33 -9.43 2.79 -2.98
C GLN A 33 -8.14 3.23 -3.67
N ASN A 34 -7.68 4.43 -3.35
CA ASN A 34 -6.46 4.97 -3.94
C ASN A 34 -5.36 5.11 -2.90
N GLU A 35 -5.68 4.74 -1.67
CA GLU A 35 -4.72 4.83 -0.57
C GLU A 35 -4.56 3.48 0.12
N TRP A 36 -3.53 3.36 0.96
CA TRP A 36 -3.27 2.14 1.69
C TRP A 36 -3.17 2.39 3.18
N TYR A 37 -3.56 1.40 3.98
CA TYR A 37 -3.53 1.53 5.43
C TYR A 37 -3.44 0.15 6.09
N CYS A 38 -2.39 -0.06 6.87
CA CYS A 38 -2.19 -1.33 7.57
C CYS A 38 -3.40 -1.66 8.45
N CYS A 39 -3.96 -0.64 9.07
CA CYS A 39 -5.13 -0.83 9.94
C CYS A 39 -6.15 0.28 9.72
N ARG A 40 -7.38 0.02 10.12
CA ARG A 40 -8.47 0.99 9.97
C ARG A 40 -8.14 2.28 10.71
N GLU A 41 -7.72 2.16 11.97
CA GLU A 41 -7.37 3.31 12.78
C GLU A 41 -6.52 4.30 11.99
N CYS A 42 -5.43 3.80 11.41
CA CYS A 42 -4.54 4.64 10.62
C CYS A 42 -5.30 5.39 9.54
N GLN A 43 -6.09 4.66 8.76
CA GLN A 43 -6.87 5.25 7.69
C GLN A 43 -7.77 6.37 8.22
N VAL A 44 -7.96 6.39 9.54
CA VAL A 44 -8.80 7.38 10.18
C VAL A 44 -7.96 8.54 10.72
N LYS A 45 -6.75 8.23 11.17
CA LYS A 45 -5.86 9.24 11.71
C LYS A 45 -5.33 10.15 10.61
N HIS A 46 -4.88 9.54 9.52
CA HIS A 46 -4.35 10.30 8.38
C HIS A 46 -5.48 10.94 7.58
N TRP A 47 -6.71 10.54 7.88
CA TRP A 47 -7.88 11.07 7.19
C TRP A 47 -7.73 12.57 6.97
N GLU A 48 -7.63 13.32 8.06
CA GLU A 48 -7.49 14.78 7.98
C GLU A 48 -6.63 15.17 6.78
N LYS A 49 -5.65 14.33 6.45
CA LYS A 49 -4.76 14.60 5.33
C LYS A 49 -5.25 13.88 4.07
N HIS A 50 -5.80 12.68 4.25
CA HIS A 50 -6.31 11.90 3.14
C HIS A 50 -7.59 12.51 2.57
N GLY A 51 -8.62 12.61 3.42
CA GLY A 51 -9.88 13.17 2.99
C GLY A 51 -9.71 14.29 1.98
N LYS A 52 -8.62 15.04 2.12
CA LYS A 52 -8.33 16.15 1.20
C LYS A 52 -8.39 15.68 -0.24
N THR A 53 -7.67 14.59 -0.55
CA THR A 53 -7.64 14.05 -1.89
C THR A 53 -8.59 12.86 -2.03
N CYS A 54 -9.08 12.37 -0.90
CA CYS A 54 -10.00 11.24 -0.88
C CYS A 54 -11.13 11.44 -1.90
N SER A 55 -11.85 10.36 -2.18
CA SER A 55 -12.96 10.44 -3.14
C SER A 55 -12.48 10.92 -4.50
N GLY A 56 -11.29 10.47 -4.90
CA GLY A 56 -10.75 10.87 -6.18
C GLY A 56 -11.60 10.42 -7.35
N PRO A 57 -11.11 9.42 -8.09
CA PRO A 57 -11.82 8.87 -9.25
C PRO A 57 -13.08 8.11 -8.85
N SER A 58 -13.27 7.92 -7.56
CA SER A 58 -14.42 7.20 -7.04
C SER A 58 -15.66 8.09 -7.03
N SER A 59 -16.82 7.50 -7.32
CA SER A 59 -18.07 8.25 -7.35
C SER A 59 -18.34 8.92 -6.01
N GLY A 60 -18.43 10.24 -6.04
CA GLY A 60 -18.67 10.99 -4.82
C GLY A 60 -17.57 11.99 -4.51
N GLY A 1 36.30 -28.41 -18.74
CA GLY A 1 35.28 -27.39 -18.87
C GLY A 1 34.87 -26.81 -17.54
N SER A 2 35.13 -25.52 -17.34
CA SER A 2 34.78 -24.85 -16.09
C SER A 2 33.29 -24.98 -15.80
N SER A 3 32.92 -24.84 -14.53
CA SER A 3 31.52 -24.95 -14.12
C SER A 3 30.86 -23.57 -14.11
N GLY A 4 30.00 -23.34 -15.09
CA GLY A 4 29.30 -22.06 -15.18
C GLY A 4 27.86 -22.15 -14.70
N SER A 5 27.68 -22.30 -13.40
CA SER A 5 26.34 -22.40 -12.82
C SER A 5 25.74 -21.02 -12.60
N SER A 6 24.43 -20.92 -12.74
CA SER A 6 23.72 -19.65 -12.55
C SER A 6 22.21 -19.87 -12.52
N GLY A 7 21.48 -18.86 -12.07
CA GLY A 7 20.04 -18.94 -11.99
C GLY A 7 19.48 -18.38 -10.70
N LEU A 8 19.37 -19.23 -9.69
CA LEU A 8 18.85 -18.81 -8.40
C LEU A 8 17.74 -17.77 -8.56
N GLU A 9 16.90 -17.97 -9.56
CA GLU A 9 15.80 -17.05 -9.83
C GLU A 9 14.92 -16.88 -8.59
N ALA A 10 15.23 -15.86 -7.79
CA ALA A 10 14.48 -15.58 -6.58
C ALA A 10 13.36 -14.59 -6.85
N VAL A 11 12.12 -15.07 -6.87
CA VAL A 11 10.96 -14.23 -7.11
C VAL A 11 10.17 -14.00 -5.84
N ALA A 12 10.22 -12.77 -5.32
CA ALA A 12 9.49 -12.43 -4.10
C ALA A 12 8.29 -11.55 -4.41
N PRO A 13 7.24 -11.68 -3.59
CA PRO A 13 6.00 -10.90 -3.75
C PRO A 13 6.20 -9.43 -3.41
N GLU A 14 5.09 -8.72 -3.21
CA GLU A 14 5.15 -7.30 -2.88
C GLU A 14 3.94 -6.89 -2.04
N ARG A 15 4.02 -5.70 -1.45
CA ARG A 15 2.93 -5.20 -0.62
C ARG A 15 2.99 -3.68 -0.51
N PRO A 16 1.82 -3.04 -0.38
CA PRO A 16 1.72 -1.58 -0.25
C PRO A 16 2.25 -1.07 1.08
N ARG A 17 1.92 0.16 1.42
CA ARG A 17 2.37 0.77 2.66
C ARG A 17 1.31 1.71 3.22
N CYS A 18 1.21 1.77 4.56
CA CYS A 18 0.25 2.63 5.22
C CYS A 18 0.50 4.10 4.88
N ALA A 19 -0.46 4.95 5.21
CA ALA A 19 -0.34 6.38 4.96
C ALA A 19 -0.23 7.16 6.26
N TYR A 20 -0.22 6.45 7.38
CA TYR A 20 -0.12 7.09 8.69
C TYR A 20 1.11 6.59 9.44
N CYS A 21 1.39 5.30 9.33
CA CYS A 21 2.53 4.69 10.00
C CYS A 21 3.54 4.16 8.97
N SER A 22 3.14 4.15 7.71
CA SER A 22 4.00 3.66 6.64
C SER A 22 4.38 2.20 6.86
N ALA A 23 3.40 1.40 7.27
CA ALA A 23 3.62 -0.02 7.53
C ALA A 23 2.94 -0.87 6.45
N GLU A 24 3.44 -2.09 6.28
CA GLU A 24 2.88 -3.02 5.30
C GLU A 24 1.35 -2.99 5.33
N ALA A 25 0.76 -2.43 4.28
CA ALA A 25 -0.69 -2.34 4.19
C ALA A 25 -1.28 -3.57 3.50
N SER A 26 -2.56 -3.84 3.75
CA SER A 26 -3.23 -4.98 3.16
C SER A 26 -4.53 -4.56 2.48
N LYS A 27 -5.22 -3.60 3.09
CA LYS A 27 -6.48 -3.10 2.55
C LYS A 27 -6.36 -1.64 2.15
N ARG A 28 -7.01 -1.26 1.06
CA ARG A 28 -6.98 0.11 0.58
C ARG A 28 -8.22 0.88 1.04
N CYS A 29 -8.19 2.19 0.87
CA CYS A 29 -9.30 3.05 1.28
C CYS A 29 -10.61 2.59 0.62
N SER A 30 -11.59 2.24 1.44
CA SER A 30 -12.88 1.78 0.94
C SER A 30 -13.71 2.95 0.41
N ARG A 31 -13.09 4.12 0.35
CA ARG A 31 -13.76 5.32 -0.13
C ARG A 31 -13.34 5.64 -1.57
N CYS A 32 -12.04 5.56 -1.83
CA CYS A 32 -11.51 5.83 -3.16
C CYS A 32 -10.64 4.68 -3.65
N GLN A 33 -10.17 3.86 -2.71
CA GLN A 33 -9.33 2.72 -3.05
C GLN A 33 -8.05 3.18 -3.75
N ASN A 34 -7.60 4.38 -3.41
CA ASN A 34 -6.38 4.94 -4.02
C ASN A 34 -5.28 5.06 -2.98
N GLU A 35 -5.58 4.70 -1.74
CA GLU A 35 -4.61 4.78 -0.65
C GLU A 35 -4.48 3.43 0.06
N TRP A 36 -3.46 3.30 0.89
CA TRP A 36 -3.23 2.06 1.63
C TRP A 36 -3.16 2.33 3.14
N TYR A 37 -3.54 1.33 3.93
CA TYR A 37 -3.53 1.46 5.37
C TYR A 37 -3.44 0.09 6.05
N CYS A 38 -2.42 -0.08 6.89
CA CYS A 38 -2.21 -1.34 7.59
C CYS A 38 -3.41 -1.66 8.48
N CYS A 39 -3.99 -0.63 9.09
CA CYS A 39 -5.14 -0.81 9.97
C CYS A 39 -6.16 0.29 9.74
N ARG A 40 -7.40 0.03 10.17
CA ARG A 40 -8.48 1.00 10.00
C ARG A 40 -8.16 2.29 10.74
N GLU A 41 -7.75 2.18 12.00
CA GLU A 41 -7.42 3.34 12.80
C GLU A 41 -6.56 4.33 12.01
N CYS A 42 -5.48 3.83 11.42
CA CYS A 42 -4.58 4.66 10.64
C CYS A 42 -5.34 5.41 9.55
N GLN A 43 -6.11 4.67 8.76
CA GLN A 43 -6.88 5.26 7.68
C GLN A 43 -7.80 6.37 8.20
N VAL A 44 -7.95 6.42 9.52
CA VAL A 44 -8.78 7.43 10.16
C VAL A 44 -7.95 8.60 10.68
N LYS A 45 -6.77 8.28 11.19
CA LYS A 45 -5.86 9.29 11.72
C LYS A 45 -5.35 10.20 10.61
N HIS A 46 -4.85 9.59 9.54
CA HIS A 46 -4.33 10.35 8.40
C HIS A 46 -5.46 10.99 7.61
N TRP A 47 -6.69 10.56 7.89
CA TRP A 47 -7.86 11.10 7.21
C TRP A 47 -7.72 12.60 6.97
N GLU A 48 -7.58 13.35 8.07
CA GLU A 48 -7.44 14.79 7.99
C GLU A 48 -6.62 15.20 6.76
N LYS A 49 -5.62 14.39 6.44
CA LYS A 49 -4.76 14.66 5.29
C LYS A 49 -5.29 13.94 4.04
N HIS A 50 -5.75 12.71 4.23
CA HIS A 50 -6.28 11.93 3.13
C HIS A 50 -7.58 12.53 2.59
N GLY A 51 -8.58 12.62 3.47
CA GLY A 51 -9.86 13.19 3.06
C GLY A 51 -9.71 14.29 2.03
N LYS A 52 -8.66 15.10 2.17
CA LYS A 52 -8.41 16.19 1.24
C LYS A 52 -8.50 15.71 -0.21
N THR A 53 -7.76 14.65 -0.52
CA THR A 53 -7.75 14.09 -1.87
C THR A 53 -8.46 12.74 -1.90
N CYS A 54 -9.30 12.48 -0.91
CA CYS A 54 -10.03 11.22 -0.82
C CYS A 54 -11.20 11.22 -1.80
N SER A 55 -11.76 10.03 -2.03
CA SER A 55 -12.89 9.89 -2.94
C SER A 55 -12.51 10.35 -4.35
N GLY A 56 -11.22 10.28 -4.67
CA GLY A 56 -10.75 10.68 -5.97
C GLY A 56 -11.67 10.22 -7.09
N PRO A 57 -12.49 11.12 -7.61
CA PRO A 57 -13.44 10.82 -8.69
C PRO A 57 -12.73 10.56 -10.02
N SER A 58 -11.86 11.49 -10.41
CA SER A 58 -11.12 11.36 -11.67
C SER A 58 -10.11 12.50 -11.82
N SER A 59 -8.99 12.20 -12.47
CA SER A 59 -7.95 13.20 -12.69
C SER A 59 -7.19 12.92 -13.98
N GLY A 60 -6.92 13.98 -14.74
CA GLY A 60 -6.19 13.82 -15.99
C GLY A 60 -4.70 13.70 -15.79
N GLY A 1 38.34 -13.72 -11.01
CA GLY A 1 37.02 -13.24 -10.62
C GLY A 1 36.12 -14.36 -10.14
N SER A 2 35.53 -15.09 -11.07
CA SER A 2 34.63 -16.18 -10.74
C SER A 2 34.73 -17.30 -11.77
N SER A 3 35.05 -18.51 -11.31
CA SER A 3 35.18 -19.65 -12.19
C SER A 3 33.82 -20.29 -12.47
N GLY A 4 33.24 -19.96 -13.63
CA GLY A 4 31.95 -20.50 -13.99
C GLY A 4 30.85 -19.45 -13.92
N SER A 5 29.73 -19.82 -13.29
CA SER A 5 28.59 -18.91 -13.16
C SER A 5 27.69 -19.32 -12.01
N SER A 6 26.74 -18.46 -11.66
CA SER A 6 25.81 -18.74 -10.58
C SER A 6 24.41 -18.26 -10.92
N GLY A 7 23.41 -19.05 -10.56
CA GLY A 7 22.04 -18.69 -10.84
C GLY A 7 21.31 -18.19 -9.61
N LEU A 8 21.78 -17.07 -9.07
CA LEU A 8 21.17 -16.48 -7.88
C LEU A 8 20.29 -15.28 -8.26
N GLU A 9 18.97 -15.51 -8.27
CA GLU A 9 18.03 -14.45 -8.61
C GLU A 9 17.12 -14.15 -7.44
N ALA A 10 17.46 -13.11 -6.66
CA ALA A 10 16.67 -12.71 -5.51
C ALA A 10 15.39 -12.00 -5.94
N VAL A 11 14.28 -12.72 -5.90
CA VAL A 11 12.99 -12.15 -6.29
C VAL A 11 12.04 -12.08 -5.09
N ALA A 12 11.66 -10.87 -4.71
CA ALA A 12 10.76 -10.67 -3.60
C ALA A 12 9.42 -10.11 -4.07
N PRO A 13 8.35 -10.40 -3.30
CA PRO A 13 6.99 -9.94 -3.62
C PRO A 13 6.84 -8.43 -3.44
N GLU A 14 5.66 -7.91 -3.78
CA GLU A 14 5.39 -6.49 -3.65
C GLU A 14 4.26 -6.24 -2.65
N ARG A 15 4.33 -5.10 -1.97
CA ARG A 15 3.32 -4.74 -0.98
C ARG A 15 3.25 -3.22 -0.80
N PRO A 16 2.04 -2.71 -0.54
CA PRO A 16 1.81 -1.29 -0.34
C PRO A 16 2.41 -0.78 0.97
N ARG A 17 1.97 0.40 1.40
CA ARG A 17 2.47 1.00 2.64
C ARG A 17 1.44 1.95 3.24
N CYS A 18 1.22 1.83 4.54
CA CYS A 18 0.26 2.68 5.24
C CYS A 18 0.55 4.16 4.96
N ALA A 19 -0.48 5.00 5.14
CA ALA A 19 -0.33 6.43 4.92
C ALA A 19 -0.24 7.18 6.24
N TYR A 20 -0.18 6.44 7.33
CA TYR A 20 -0.08 7.04 8.66
C TYR A 20 1.16 6.55 9.40
N CYS A 21 1.44 5.25 9.27
CA CYS A 21 2.61 4.66 9.93
C CYS A 21 3.59 4.13 8.90
N SER A 22 3.17 4.10 7.63
CA SER A 22 4.02 3.62 6.55
C SER A 22 4.39 2.15 6.77
N ALA A 23 3.41 1.36 7.20
CA ALA A 23 3.64 -0.06 7.45
C ALA A 23 2.96 -0.91 6.39
N GLU A 24 3.42 -2.15 6.23
CA GLU A 24 2.86 -3.07 5.25
C GLU A 24 1.32 -3.04 5.31
N ALA A 25 0.72 -2.44 4.28
CA ALA A 25 -0.73 -2.34 4.21
C ALA A 25 -1.32 -3.57 3.51
N SER A 26 -2.58 -3.87 3.82
CA SER A 26 -3.27 -5.00 3.24
C SER A 26 -4.57 -4.57 2.57
N LYS A 27 -5.25 -3.61 3.18
CA LYS A 27 -6.51 -3.11 2.65
C LYS A 27 -6.38 -1.65 2.26
N ARG A 28 -7.00 -1.29 1.13
CA ARG A 28 -6.96 0.09 0.65
C ARG A 28 -8.21 0.84 1.07
N CYS A 29 -8.17 2.17 0.91
CA CYS A 29 -9.31 3.01 1.26
C CYS A 29 -10.57 2.57 0.53
N SER A 30 -11.57 2.14 1.29
CA SER A 30 -12.83 1.69 0.70
C SER A 30 -13.63 2.86 0.14
N ARG A 31 -13.06 4.07 0.28
CA ARG A 31 -13.72 5.27 -0.20
C ARG A 31 -13.27 5.60 -1.62
N CYS A 32 -11.96 5.56 -1.85
CA CYS A 32 -11.40 5.86 -3.17
C CYS A 32 -10.52 4.71 -3.65
N GLN A 33 -10.08 3.87 -2.72
CA GLN A 33 -9.23 2.74 -3.06
C GLN A 33 -7.94 3.20 -3.74
N ASN A 34 -7.52 4.42 -3.44
CA ASN A 34 -6.31 4.98 -4.03
C ASN A 34 -5.21 5.11 -2.98
N GLU A 35 -5.53 4.71 -1.74
CA GLU A 35 -4.57 4.78 -0.65
C GLU A 35 -4.44 3.43 0.05
N TRP A 36 -3.43 3.30 0.90
CA TRP A 36 -3.20 2.06 1.64
C TRP A 36 -3.14 2.33 3.14
N TYR A 37 -3.53 1.34 3.93
CA TYR A 37 -3.53 1.46 5.38
C TYR A 37 -3.44 0.09 6.05
N CYS A 38 -2.44 -0.08 6.90
CA CYS A 38 -2.24 -1.34 7.61
C CYS A 38 -3.43 -1.65 8.50
N CYS A 39 -4.00 -0.62 9.12
CA CYS A 39 -5.15 -0.79 10.00
C CYS A 39 -6.20 0.28 9.75
N ARG A 40 -7.42 0.04 10.20
CA ARG A 40 -8.50 0.99 10.01
C ARG A 40 -8.19 2.31 10.71
N GLU A 41 -7.71 2.23 11.95
CA GLU A 41 -7.37 3.42 12.72
C GLU A 41 -6.53 4.39 11.88
N CYS A 42 -5.42 3.88 11.35
CA CYS A 42 -4.53 4.70 10.54
C CYS A 42 -5.31 5.43 9.44
N GLN A 43 -6.10 4.68 8.69
CA GLN A 43 -6.91 5.24 7.61
C GLN A 43 -7.82 6.34 8.13
N VAL A 44 -7.97 6.40 9.45
CA VAL A 44 -8.83 7.41 10.07
C VAL A 44 -8.00 8.55 10.65
N LYS A 45 -6.82 8.22 11.16
CA LYS A 45 -5.93 9.23 11.74
C LYS A 45 -5.39 10.16 10.67
N HIS A 46 -4.88 9.58 9.58
CA HIS A 46 -4.34 10.37 8.48
C HIS A 46 -5.47 11.01 7.67
N TRP A 47 -6.69 10.58 7.92
CA TRP A 47 -7.85 11.11 7.21
C TRP A 47 -7.72 12.61 6.99
N GLU A 48 -7.59 13.35 8.08
CA GLU A 48 -7.46 14.81 7.99
C GLU A 48 -6.63 15.21 6.77
N LYS A 49 -5.62 14.41 6.47
CA LYS A 49 -4.74 14.68 5.32
C LYS A 49 -5.24 13.95 4.08
N HIS A 50 -5.72 12.72 4.27
CA HIS A 50 -6.23 11.92 3.17
C HIS A 50 -7.52 12.51 2.62
N GLY A 51 -8.55 12.58 3.46
CA GLY A 51 -9.83 13.12 3.04
C GLY A 51 -9.67 14.26 2.06
N LYS A 52 -8.60 15.03 2.20
CA LYS A 52 -8.34 16.15 1.31
C LYS A 52 -8.44 15.74 -0.14
N THR A 53 -7.78 14.64 -0.48
CA THR A 53 -7.80 14.13 -1.85
C THR A 53 -8.75 12.94 -1.99
N CYS A 54 -9.15 12.37 -0.86
CA CYS A 54 -10.06 11.24 -0.85
C CYS A 54 -11.26 11.50 -1.76
N SER A 55 -12.02 10.45 -2.03
CA SER A 55 -13.20 10.56 -2.90
C SER A 55 -12.83 11.23 -4.23
N GLY A 56 -11.71 10.81 -4.80
CA GLY A 56 -11.27 11.36 -6.06
C GLY A 56 -12.22 11.06 -7.20
N PRO A 57 -11.85 10.10 -8.05
CA PRO A 57 -12.68 9.69 -9.20
C PRO A 57 -13.94 8.96 -8.78
N SER A 58 -14.08 8.74 -7.48
CA SER A 58 -15.24 8.05 -6.94
C SER A 58 -16.23 9.04 -6.30
N SER A 59 -16.49 10.13 -7.00
CA SER A 59 -17.40 11.15 -6.50
C SER A 59 -18.39 11.59 -7.59
N GLY A 60 -19.34 12.42 -7.22
CA GLY A 60 -20.33 12.90 -8.18
C GLY A 60 -19.71 13.69 -9.31
N GLY A 1 34.49 -30.32 -5.87
CA GLY A 1 34.08 -28.94 -5.70
C GLY A 1 32.92 -28.79 -4.73
N SER A 2 33.23 -28.52 -3.47
CA SER A 2 32.21 -28.36 -2.44
C SER A 2 31.24 -27.23 -2.81
N SER A 3 31.79 -26.08 -3.16
CA SER A 3 30.99 -24.92 -3.53
C SER A 3 30.47 -25.06 -4.96
N GLY A 4 29.50 -24.21 -5.31
CA GLY A 4 28.94 -24.25 -6.65
C GLY A 4 27.42 -24.10 -6.64
N SER A 5 26.76 -24.84 -5.76
CA SER A 5 25.30 -24.78 -5.67
C SER A 5 24.86 -23.60 -4.79
N SER A 6 25.53 -22.47 -4.96
CA SER A 6 25.22 -21.27 -4.19
C SER A 6 24.19 -20.42 -4.92
N GLY A 7 22.92 -20.78 -4.79
CA GLY A 7 21.86 -20.04 -5.44
C GLY A 7 21.73 -18.62 -4.90
N LEU A 8 22.01 -17.65 -5.77
CA LEU A 8 21.92 -16.25 -5.38
C LEU A 8 20.66 -15.60 -5.92
N GLU A 9 19.55 -16.33 -5.86
CA GLU A 9 18.27 -15.82 -6.34
C GLU A 9 17.39 -15.37 -5.19
N ALA A 10 16.98 -14.10 -5.22
CA ALA A 10 16.13 -13.54 -4.18
C ALA A 10 14.92 -12.84 -4.77
N VAL A 11 13.80 -13.55 -4.82
CA VAL A 11 12.57 -13.00 -5.38
C VAL A 11 11.52 -12.82 -4.28
N ALA A 12 11.33 -11.58 -3.85
CA ALA A 12 10.35 -11.27 -2.82
C ALA A 12 9.10 -10.63 -3.41
N PRO A 13 7.94 -10.86 -2.77
CA PRO A 13 6.66 -10.32 -3.22
C PRO A 13 6.57 -8.80 -3.03
N GLU A 14 5.48 -8.22 -3.52
CA GLU A 14 5.29 -6.77 -3.40
C GLU A 14 4.12 -6.46 -2.47
N ARG A 15 4.19 -5.29 -1.82
CA ARG A 15 3.14 -4.88 -0.90
C ARG A 15 3.15 -3.37 -0.74
N PRO A 16 1.94 -2.79 -0.53
CA PRO A 16 1.78 -1.35 -0.34
C PRO A 16 2.35 -0.86 0.97
N ARG A 17 1.97 0.36 1.37
CA ARG A 17 2.45 0.93 2.62
C ARG A 17 1.41 1.89 3.21
N CYS A 18 1.24 1.84 4.53
CA CYS A 18 0.28 2.69 5.22
C CYS A 18 0.57 4.17 4.94
N ALA A 19 -0.41 5.01 5.22
CA ALA A 19 -0.26 6.44 5.01
C ALA A 19 -0.17 7.20 6.34
N TYR A 20 -0.16 6.45 7.44
CA TYR A 20 -0.08 7.05 8.76
C TYR A 20 1.14 6.52 9.52
N CYS A 21 1.43 5.24 9.34
CA CYS A 21 2.57 4.61 10.01
C CYS A 21 3.57 4.08 8.98
N SER A 22 3.17 4.09 7.71
CA SER A 22 4.02 3.61 6.63
C SER A 22 4.39 2.14 6.85
N ALA A 23 3.40 1.34 7.23
CA ALA A 23 3.61 -0.08 7.46
C ALA A 23 2.92 -0.93 6.40
N GLU A 24 3.40 -2.16 6.21
CA GLU A 24 2.83 -3.06 5.23
C GLU A 24 1.31 -3.02 5.26
N ALA A 25 0.71 -2.45 4.21
CA ALA A 25 -0.74 -2.35 4.12
C ALA A 25 -1.33 -3.56 3.41
N SER A 26 -2.62 -3.82 3.67
CA SER A 26 -3.30 -4.96 3.05
C SER A 26 -4.62 -4.51 2.43
N LYS A 27 -5.25 -3.52 3.04
CA LYS A 27 -6.52 -3.00 2.54
C LYS A 27 -6.41 -1.53 2.19
N ARG A 28 -7.04 -1.14 1.08
CA ARG A 28 -7.00 0.24 0.63
C ARG A 28 -8.27 0.98 1.05
N CYS A 29 -8.23 2.31 0.95
CA CYS A 29 -9.37 3.14 1.33
C CYS A 29 -10.64 2.68 0.60
N SER A 30 -11.60 2.16 1.36
CA SER A 30 -12.86 1.69 0.78
C SER A 30 -13.69 2.86 0.27
N ARG A 31 -13.18 4.07 0.43
CA ARG A 31 -13.87 5.26 -0.01
C ARG A 31 -13.48 5.62 -1.45
N CYS A 32 -12.18 5.63 -1.71
CA CYS A 32 -11.68 5.96 -3.04
C CYS A 32 -10.76 4.84 -3.56
N GLN A 33 -10.24 4.05 -2.64
CA GLN A 33 -9.35 2.94 -3.02
C GLN A 33 -8.09 3.47 -3.69
N ASN A 34 -7.65 4.67 -3.30
CA ASN A 34 -6.46 5.28 -3.88
C ASN A 34 -5.36 5.41 -2.83
N GLU A 35 -5.60 4.83 -1.65
CA GLU A 35 -4.63 4.89 -0.56
C GLU A 35 -4.51 3.54 0.13
N TRP A 36 -3.46 3.37 0.92
CA TRP A 36 -3.24 2.13 1.65
C TRP A 36 -3.16 2.37 3.15
N TYR A 37 -3.54 1.37 3.93
CA TYR A 37 -3.52 1.48 5.39
C TYR A 37 -3.42 0.10 6.03
N CYS A 38 -2.41 -0.07 6.88
CA CYS A 38 -2.21 -1.34 7.57
C CYS A 38 -3.39 -1.68 8.47
N CYS A 39 -3.97 -0.65 9.08
CA CYS A 39 -5.11 -0.82 9.97
C CYS A 39 -6.15 0.27 9.75
N ARG A 40 -7.39 0.00 10.16
CA ARG A 40 -8.47 0.97 10.01
C ARG A 40 -8.14 2.27 10.74
N GLU A 41 -7.70 2.15 11.98
CA GLU A 41 -7.36 3.31 12.79
C GLU A 41 -6.51 4.30 11.99
N CYS A 42 -5.42 3.81 11.41
CA CYS A 42 -4.53 4.65 10.62
C CYS A 42 -5.30 5.39 9.54
N GLN A 43 -6.10 4.65 8.78
CA GLN A 43 -6.90 5.24 7.70
C GLN A 43 -7.81 6.34 8.25
N VAL A 44 -7.96 6.38 9.56
CA VAL A 44 -8.79 7.39 10.21
C VAL A 44 -7.97 8.55 10.74
N LYS A 45 -6.76 8.24 11.20
CA LYS A 45 -5.86 9.26 11.73
C LYS A 45 -5.34 10.16 10.62
N HIS A 46 -4.86 9.55 9.54
CA HIS A 46 -4.33 10.30 8.41
C HIS A 46 -5.46 10.94 7.62
N TRP A 47 -6.70 10.56 7.92
CA TRP A 47 -7.86 11.09 7.24
C TRP A 47 -7.72 12.60 7.03
N GLU A 48 -7.62 13.34 8.12
CA GLU A 48 -7.49 14.79 8.05
C GLU A 48 -6.63 15.20 6.86
N LYS A 49 -5.68 14.34 6.50
CA LYS A 49 -4.79 14.60 5.38
C LYS A 49 -5.28 13.90 4.11
N HIS A 50 -5.83 12.70 4.29
CA HIS A 50 -6.34 11.92 3.16
C HIS A 50 -7.61 12.54 2.60
N GLY A 51 -8.61 12.72 3.46
CA GLY A 51 -9.86 13.31 3.03
C GLY A 51 -9.68 14.34 1.94
N LYS A 52 -8.59 15.11 2.04
CA LYS A 52 -8.31 16.15 1.04
C LYS A 52 -8.43 15.59 -0.36
N THR A 53 -7.67 14.55 -0.67
CA THR A 53 -7.69 13.93 -1.98
C THR A 53 -8.60 12.72 -2.00
N CYS A 54 -9.09 12.32 -0.82
CA CYS A 54 -9.97 11.17 -0.70
C CYS A 54 -11.12 11.26 -1.70
N SER A 55 -11.83 10.15 -1.88
CA SER A 55 -12.96 10.10 -2.81
C SER A 55 -12.52 10.50 -4.21
N GLY A 56 -11.30 10.11 -4.58
CA GLY A 56 -10.78 10.43 -5.90
C GLY A 56 -11.59 9.80 -7.01
N PRO A 57 -12.31 10.63 -7.77
CA PRO A 57 -13.14 10.16 -8.89
C PRO A 57 -12.31 9.65 -10.06
N SER A 58 -12.96 9.45 -11.20
CA SER A 58 -12.28 8.95 -12.39
C SER A 58 -11.57 10.09 -13.12
N SER A 59 -10.25 9.96 -13.26
CA SER A 59 -9.46 10.97 -13.93
C SER A 59 -9.72 10.96 -15.44
N GLY A 60 -9.56 9.79 -16.05
CA GLY A 60 -9.78 9.67 -17.48
C GLY A 60 -11.26 9.72 -17.84
N GLY A 1 34.28 -25.19 -22.96
CA GLY A 1 33.73 -24.24 -22.00
C GLY A 1 32.22 -24.13 -22.09
N SER A 2 31.55 -25.28 -22.13
CA SER A 2 30.10 -25.31 -22.22
C SER A 2 29.49 -25.76 -20.89
N SER A 3 30.04 -25.25 -19.79
CA SER A 3 29.56 -25.60 -18.46
C SER A 3 28.68 -24.48 -17.89
N GLY A 4 27.42 -24.80 -17.64
CA GLY A 4 26.50 -23.81 -17.10
C GLY A 4 25.14 -24.40 -16.80
N SER A 5 24.51 -23.92 -15.73
CA SER A 5 23.20 -24.39 -15.33
C SER A 5 22.32 -23.25 -14.83
N SER A 6 21.04 -23.52 -14.66
CA SER A 6 20.09 -22.51 -14.20
C SER A 6 19.35 -23.00 -12.94
N GLY A 7 18.87 -22.05 -12.16
CA GLY A 7 18.14 -22.39 -10.95
C GLY A 7 18.07 -21.24 -9.96
N LEU A 8 19.24 -20.72 -9.58
CA LEU A 8 19.30 -19.62 -8.64
C LEU A 8 18.44 -18.45 -9.10
N GLU A 9 17.24 -18.35 -8.54
CA GLU A 9 16.31 -17.28 -8.89
C GLU A 9 15.64 -16.71 -7.65
N ALA A 10 16.04 -15.50 -7.26
CA ALA A 10 15.47 -14.85 -6.09
C ALA A 10 14.32 -13.93 -6.48
N VAL A 11 13.09 -14.40 -6.25
CA VAL A 11 11.90 -13.62 -6.58
C VAL A 11 11.05 -13.38 -5.35
N ALA A 12 10.93 -12.11 -4.96
CA ALA A 12 10.14 -11.74 -3.79
C ALA A 12 8.88 -11.00 -4.20
N PRO A 13 7.81 -11.17 -3.40
CA PRO A 13 6.52 -10.53 -3.66
C PRO A 13 6.56 -9.02 -3.45
N GLU A 14 5.39 -8.41 -3.33
CA GLU A 14 5.30 -6.96 -3.12
C GLU A 14 4.12 -6.62 -2.22
N ARG A 15 4.17 -5.44 -1.62
CA ARG A 15 3.11 -4.98 -0.73
C ARG A 15 3.11 -3.46 -0.61
N PRO A 16 1.92 -2.88 -0.41
CA PRO A 16 1.76 -1.43 -0.28
C PRO A 16 2.34 -0.91 1.05
N ARG A 17 1.96 0.31 1.41
CA ARG A 17 2.43 0.92 2.64
C ARG A 17 1.38 1.86 3.22
N CYS A 18 1.26 1.85 4.56
CA CYS A 18 0.29 2.70 5.23
C CYS A 18 0.58 4.18 4.97
N ALA A 19 -0.43 5.01 5.19
CA ALA A 19 -0.29 6.45 4.97
C ALA A 19 -0.21 7.20 6.30
N TYR A 20 -0.16 6.45 7.39
CA TYR A 20 -0.10 7.03 8.73
C TYR A 20 1.13 6.54 9.48
N CYS A 21 1.44 5.26 9.32
CA CYS A 21 2.60 4.66 9.99
C CYS A 21 3.60 4.15 8.95
N SER A 22 3.20 4.13 7.70
CA SER A 22 4.06 3.65 6.62
C SER A 22 4.43 2.19 6.83
N ALA A 23 3.46 1.39 7.29
CA ALA A 23 3.68 -0.03 7.51
C ALA A 23 3.03 -0.87 6.42
N GLU A 24 3.41 -2.15 6.37
CA GLU A 24 2.87 -3.06 5.37
C GLU A 24 1.35 -3.03 5.37
N ALA A 25 0.77 -2.45 4.34
CA ALA A 25 -0.69 -2.35 4.22
C ALA A 25 -1.25 -3.56 3.48
N SER A 26 -2.52 -3.87 3.75
CA SER A 26 -3.17 -5.00 3.11
C SER A 26 -4.49 -4.58 2.48
N LYS A 27 -5.17 -3.62 3.11
CA LYS A 27 -6.44 -3.12 2.60
C LYS A 27 -6.34 -1.65 2.24
N ARG A 28 -6.96 -1.26 1.13
CA ARG A 28 -6.95 0.12 0.68
C ARG A 28 -8.20 0.86 1.13
N CYS A 29 -8.18 2.18 0.99
CA CYS A 29 -9.32 3.01 1.38
C CYS A 29 -10.59 2.56 0.67
N SER A 30 -11.58 2.12 1.46
CA SER A 30 -12.85 1.67 0.91
C SER A 30 -13.68 2.83 0.39
N ARG A 31 -13.11 4.04 0.46
CA ARG A 31 -13.79 5.24 0.00
C ARG A 31 -13.35 5.60 -1.41
N CYS A 32 -12.05 5.54 -1.66
CA CYS A 32 -11.51 5.86 -2.97
C CYS A 32 -10.62 4.74 -3.50
N GLN A 33 -10.20 3.86 -2.58
CA GLN A 33 -9.34 2.74 -2.95
C GLN A 33 -8.07 3.22 -3.64
N ASN A 34 -7.65 4.43 -3.30
CA ASN A 34 -6.44 5.01 -3.89
C ASN A 34 -5.34 5.16 -2.85
N GLU A 35 -5.63 4.72 -1.63
CA GLU A 35 -4.66 4.80 -0.54
C GLU A 35 -4.54 3.46 0.18
N TRP A 36 -3.46 3.30 0.94
CA TRP A 36 -3.22 2.07 1.68
C TRP A 36 -3.14 2.34 3.18
N TYR A 37 -3.54 1.35 3.98
CA TYR A 37 -3.53 1.49 5.43
C TYR A 37 -3.45 0.12 6.10
N CYS A 38 -2.43 -0.07 6.92
CA CYS A 38 -2.23 -1.33 7.62
C CYS A 38 -3.45 -1.66 8.50
N CYS A 39 -4.03 -0.62 9.08
CA CYS A 39 -5.20 -0.80 9.94
C CYS A 39 -6.23 0.31 9.70
N ARG A 40 -7.46 0.06 10.12
CA ARG A 40 -8.54 1.03 9.95
C ARG A 40 -8.21 2.33 10.67
N GLU A 41 -7.72 2.22 11.90
CA GLU A 41 -7.37 3.39 12.70
C GLU A 41 -6.53 4.37 11.88
N CYS A 42 -5.44 3.86 11.31
CA CYS A 42 -4.55 4.69 10.50
C CYS A 42 -5.32 5.41 9.41
N GLN A 43 -6.13 4.65 8.67
CA GLN A 43 -6.93 5.22 7.58
C GLN A 43 -7.83 6.34 8.09
N VAL A 44 -8.01 6.39 9.41
CA VAL A 44 -8.86 7.40 10.03
C VAL A 44 -8.02 8.54 10.59
N LYS A 45 -6.84 8.20 11.12
CA LYS A 45 -5.95 9.20 11.68
C LYS A 45 -5.39 10.12 10.60
N HIS A 46 -4.94 9.53 9.50
CA HIS A 46 -4.39 10.30 8.39
C HIS A 46 -5.50 11.00 7.62
N TRP A 47 -6.75 10.63 7.90
CA TRP A 47 -7.89 11.24 7.24
C TRP A 47 -7.69 12.74 7.05
N GLU A 48 -7.45 13.44 8.15
CA GLU A 48 -7.24 14.88 8.11
C GLU A 48 -6.50 15.28 6.84
N LYS A 49 -5.56 14.45 6.42
CA LYS A 49 -4.77 14.72 5.22
C LYS A 49 -5.34 13.97 4.02
N HIS A 50 -5.72 12.71 4.23
CA HIS A 50 -6.28 11.89 3.16
C HIS A 50 -7.59 12.48 2.66
N GLY A 51 -8.55 12.63 3.57
CA GLY A 51 -9.84 13.19 3.19
C GLY A 51 -9.72 14.29 2.16
N LYS A 52 -8.61 15.02 2.20
CA LYS A 52 -8.37 16.11 1.26
C LYS A 52 -8.47 15.62 -0.18
N THR A 53 -7.77 14.52 -0.47
CA THR A 53 -7.77 13.94 -1.82
C THR A 53 -8.71 12.75 -1.90
N CYS A 54 -9.22 12.32 -0.75
CA CYS A 54 -10.13 11.18 -0.69
C CYS A 54 -11.33 11.40 -1.62
N SER A 55 -12.09 10.34 -1.85
CA SER A 55 -13.27 10.41 -2.71
C SER A 55 -12.91 11.05 -4.05
N GLY A 56 -11.73 10.71 -4.57
CA GLY A 56 -11.29 11.26 -5.83
C GLY A 56 -12.24 10.94 -6.97
N PRO A 57 -11.81 10.04 -7.88
CA PRO A 57 -12.63 9.63 -9.02
C PRO A 57 -13.84 8.79 -8.62
N SER A 58 -15.03 9.36 -8.80
CA SER A 58 -16.26 8.67 -8.46
C SER A 58 -17.24 8.66 -9.63
N SER A 59 -18.35 7.96 -9.47
CA SER A 59 -19.36 7.87 -10.52
C SER A 59 -19.46 9.18 -11.28
N GLY A 60 -19.41 10.30 -10.56
CA GLY A 60 -19.49 11.60 -11.18
C GLY A 60 -18.27 11.92 -12.02
N GLY A 1 29.18 -31.77 -19.73
CA GLY A 1 28.70 -30.95 -18.63
C GLY A 1 29.03 -29.49 -18.80
N SER A 2 28.12 -28.74 -19.43
CA SER A 2 28.33 -27.32 -19.67
C SER A 2 28.12 -26.53 -18.39
N SER A 3 28.36 -25.22 -18.47
CA SER A 3 28.20 -24.34 -17.32
C SER A 3 26.96 -23.47 -17.45
N GLY A 4 25.85 -23.95 -16.88
CA GLY A 4 24.60 -23.21 -16.95
C GLY A 4 23.70 -23.47 -15.76
N SER A 5 24.05 -22.93 -14.61
CA SER A 5 23.27 -23.12 -13.39
C SER A 5 21.83 -22.66 -13.61
N SER A 6 20.93 -23.15 -12.76
CA SER A 6 19.52 -22.79 -12.84
C SER A 6 18.92 -22.58 -11.46
N GLY A 7 18.44 -21.36 -11.20
CA GLY A 7 17.86 -21.05 -9.91
C GLY A 7 18.63 -19.99 -9.16
N LEU A 8 18.58 -20.04 -7.84
CA LEU A 8 19.27 -19.07 -6.99
C LEU A 8 18.80 -17.65 -7.30
N GLU A 9 17.49 -17.50 -7.47
CA GLU A 9 16.91 -16.18 -7.76
C GLU A 9 15.99 -15.73 -6.62
N ALA A 10 16.47 -14.80 -5.81
CA ALA A 10 15.71 -14.27 -4.69
C ALA A 10 14.56 -13.39 -5.18
N VAL A 11 13.35 -13.96 -5.19
CA VAL A 11 12.17 -13.22 -5.64
C VAL A 11 11.20 -12.99 -4.48
N ALA A 12 11.05 -11.73 -4.08
CA ALA A 12 10.15 -11.37 -2.98
C ALA A 12 8.88 -10.73 -3.51
N PRO A 13 7.76 -10.93 -2.78
CA PRO A 13 6.47 -10.37 -3.16
C PRO A 13 6.41 -8.86 -3.00
N GLU A 14 5.31 -8.25 -3.42
CA GLU A 14 5.13 -6.81 -3.32
C GLU A 14 3.98 -6.46 -2.39
N ARG A 15 4.05 -5.28 -1.78
CA ARG A 15 3.02 -4.83 -0.87
C ARG A 15 3.03 -3.31 -0.73
N PRO A 16 1.85 -2.72 -0.53
CA PRO A 16 1.71 -1.27 -0.38
C PRO A 16 2.29 -0.77 0.94
N ARG A 17 1.92 0.46 1.32
CA ARG A 17 2.41 1.05 2.56
C ARG A 17 1.36 1.98 3.17
N CYS A 18 1.22 1.91 4.49
CA CYS A 18 0.25 2.74 5.20
C CYS A 18 0.51 4.23 4.95
N ALA A 19 -0.49 5.06 5.20
CA ALA A 19 -0.37 6.49 5.01
C ALA A 19 -0.24 7.21 6.35
N TYR A 20 -0.19 6.45 7.43
CA TYR A 20 -0.08 7.01 8.77
C TYR A 20 1.18 6.51 9.46
N CYS A 21 1.44 5.21 9.34
CA CYS A 21 2.61 4.60 9.95
C CYS A 21 3.59 4.10 8.89
N SER A 22 3.16 4.12 7.64
CA SER A 22 3.99 3.67 6.53
C SER A 22 4.36 2.20 6.69
N ALA A 23 3.41 1.42 7.22
CA ALA A 23 3.63 -0.01 7.43
C ALA A 23 2.98 -0.83 6.32
N GLU A 24 3.42 -2.07 6.17
CA GLU A 24 2.88 -2.96 5.15
C GLU A 24 1.35 -2.94 5.18
N ALA A 25 0.76 -2.35 4.15
CA ALA A 25 -0.69 -2.26 4.05
C ALA A 25 -1.26 -3.47 3.30
N SER A 26 -2.53 -3.80 3.60
CA SER A 26 -3.18 -4.94 2.97
C SER A 26 -4.50 -4.51 2.33
N LYS A 27 -5.19 -3.56 2.99
CA LYS A 27 -6.46 -3.07 2.49
C LYS A 27 -6.37 -1.58 2.13
N ARG A 28 -7.05 -1.19 1.05
CA ARG A 28 -7.03 0.19 0.61
C ARG A 28 -8.28 0.93 1.10
N CYS A 29 -8.27 2.26 0.96
CA CYS A 29 -9.38 3.08 1.39
C CYS A 29 -10.68 2.63 0.73
N SER A 30 -11.61 2.12 1.54
CA SER A 30 -12.89 1.64 1.05
C SER A 30 -13.74 2.81 0.55
N ARG A 31 -13.21 4.02 0.68
CA ARG A 31 -13.92 5.22 0.25
C ARG A 31 -13.59 5.56 -1.20
N CYS A 32 -12.31 5.50 -1.53
CA CYS A 32 -11.85 5.80 -2.88
C CYS A 32 -10.97 4.68 -3.43
N GLN A 33 -10.33 3.94 -2.53
CA GLN A 33 -9.47 2.84 -2.91
C GLN A 33 -8.23 3.34 -3.64
N ASN A 34 -7.78 4.53 -3.27
CA ASN A 34 -6.60 5.14 -3.88
C ASN A 34 -5.46 5.25 -2.88
N GLU A 35 -5.73 4.85 -1.63
CA GLU A 35 -4.72 4.91 -0.58
C GLU A 35 -4.57 3.55 0.10
N TRP A 36 -3.54 3.43 0.93
CA TRP A 36 -3.28 2.19 1.64
C TRP A 36 -3.20 2.42 3.14
N TYR A 37 -3.57 1.41 3.92
CA TYR A 37 -3.55 1.51 5.37
C TYR A 37 -3.45 0.12 6.00
N CYS A 38 -2.42 -0.07 6.82
CA CYS A 38 -2.21 -1.35 7.49
C CYS A 38 -3.40 -1.70 8.37
N CYS A 39 -4.03 -0.68 8.95
CA CYS A 39 -5.18 -0.89 9.82
C CYS A 39 -6.23 0.18 9.58
N ARG A 40 -7.40 0.00 10.19
CA ARG A 40 -8.50 0.95 10.04
C ARG A 40 -8.18 2.26 10.75
N GLU A 41 -7.73 2.15 12.00
CA GLU A 41 -7.39 3.34 12.78
C GLU A 41 -6.54 4.31 11.98
N CYS A 42 -5.45 3.79 11.42
CA CYS A 42 -4.54 4.62 10.63
C CYS A 42 -5.29 5.37 9.54
N GLN A 43 -6.12 4.65 8.78
CA GLN A 43 -6.90 5.25 7.71
C GLN A 43 -7.81 6.35 8.26
N VAL A 44 -7.93 6.42 9.58
CA VAL A 44 -8.77 7.42 10.23
C VAL A 44 -7.92 8.55 10.80
N LYS A 45 -6.69 8.23 11.20
CA LYS A 45 -5.79 9.23 11.76
C LYS A 45 -5.28 10.16 10.67
N HIS A 46 -4.81 9.58 9.57
CA HIS A 46 -4.29 10.37 8.46
C HIS A 46 -5.43 10.99 7.65
N TRP A 47 -6.65 10.56 7.95
CA TRP A 47 -7.82 11.08 7.25
C TRP A 47 -7.72 12.58 7.06
N GLU A 48 -7.65 13.32 8.16
CA GLU A 48 -7.55 14.78 8.10
C GLU A 48 -6.70 15.22 6.91
N LYS A 49 -5.74 14.39 6.54
CA LYS A 49 -4.86 14.69 5.42
C LYS A 49 -5.32 13.98 4.16
N HIS A 50 -5.78 12.75 4.31
CA HIS A 50 -6.26 11.96 3.17
C HIS A 50 -7.53 12.56 2.59
N GLY A 51 -8.55 12.72 3.43
CA GLY A 51 -9.81 13.28 2.98
C GLY A 51 -9.62 14.32 1.90
N LYS A 52 -8.52 15.08 1.99
CA LYS A 52 -8.23 16.12 1.01
C LYS A 52 -8.39 15.59 -0.41
N THR A 53 -7.69 14.50 -0.72
CA THR A 53 -7.75 13.89 -2.04
C THR A 53 -8.74 12.73 -2.06
N CYS A 54 -9.15 12.27 -0.88
CA CYS A 54 -10.09 11.18 -0.76
C CYS A 54 -11.28 11.37 -1.69
N SER A 55 -12.08 10.33 -1.86
CA SER A 55 -13.26 10.40 -2.73
C SER A 55 -12.88 10.86 -4.13
N GLY A 56 -11.74 10.37 -4.63
CA GLY A 56 -11.29 10.74 -5.95
C GLY A 56 -12.28 10.36 -7.04
N PRO A 57 -11.77 9.81 -8.14
CA PRO A 57 -12.60 9.39 -9.28
C PRO A 57 -13.47 8.18 -8.95
N SER A 58 -14.60 8.43 -8.28
CA SER A 58 -15.51 7.36 -7.91
C SER A 58 -16.93 7.65 -8.39
N SER A 59 -17.03 8.17 -9.61
CA SER A 59 -18.34 8.50 -10.18
C SER A 59 -19.14 9.37 -9.23
N GLY A 60 -18.46 10.33 -8.60
CA GLY A 60 -19.14 11.22 -7.66
C GLY A 60 -19.19 12.65 -8.16
N GLY A 1 34.34 -32.52 -2.43
CA GLY A 1 33.97 -31.77 -3.61
C GLY A 1 32.47 -31.79 -3.84
N SER A 2 31.70 -31.58 -2.78
CA SER A 2 30.24 -31.57 -2.88
C SER A 2 29.76 -30.52 -3.88
N SER A 3 28.52 -30.64 -4.30
CA SER A 3 27.95 -29.69 -5.26
C SER A 3 26.42 -29.71 -5.19
N GLY A 4 25.79 -28.78 -5.90
CA GLY A 4 24.34 -28.71 -5.91
C GLY A 4 23.79 -28.13 -7.19
N SER A 5 22.49 -28.28 -7.40
CA SER A 5 21.84 -27.77 -8.61
C SER A 5 21.50 -26.29 -8.46
N SER A 6 22.49 -25.43 -8.67
CA SER A 6 22.30 -23.99 -8.55
C SER A 6 21.17 -23.52 -9.47
N GLY A 7 20.52 -22.43 -9.09
CA GLY A 7 19.42 -21.90 -9.88
C GLY A 7 18.34 -21.27 -9.03
N LEU A 8 17.95 -21.96 -7.96
CA LEU A 8 16.92 -21.45 -7.07
C LEU A 8 17.00 -19.94 -6.93
N GLU A 9 16.16 -19.23 -7.69
CA GLU A 9 16.14 -17.78 -7.64
C GLU A 9 15.19 -17.27 -6.56
N ALA A 10 15.76 -16.64 -5.54
CA ALA A 10 14.96 -16.11 -4.44
C ALA A 10 14.00 -15.03 -4.93
N VAL A 11 12.72 -15.39 -5.04
CA VAL A 11 11.70 -14.47 -5.49
C VAL A 11 10.67 -14.20 -4.40
N ALA A 12 10.58 -12.95 -3.97
CA ALA A 12 9.63 -12.56 -2.92
C ALA A 12 8.52 -11.69 -3.49
N PRO A 13 7.33 -11.77 -2.88
CA PRO A 13 6.16 -11.00 -3.31
C PRO A 13 6.31 -9.52 -3.02
N GLU A 14 5.20 -8.78 -3.07
CA GLU A 14 5.22 -7.35 -2.81
C GLU A 14 3.99 -6.93 -2.00
N ARG A 15 4.08 -5.77 -1.36
CA ARG A 15 2.98 -5.26 -0.55
C ARG A 15 3.06 -3.74 -0.42
N PRO A 16 1.89 -3.09 -0.31
CA PRO A 16 1.80 -1.64 -0.18
C PRO A 16 2.32 -1.14 1.17
N ARG A 17 1.98 0.10 1.50
CA ARG A 17 2.41 0.69 2.75
C ARG A 17 1.33 1.63 3.31
N CYS A 18 1.23 1.68 4.64
CA CYS A 18 0.24 2.53 5.30
C CYS A 18 0.49 3.99 4.96
N ALA A 19 -0.48 4.84 5.30
CA ALA A 19 -0.38 6.28 5.03
C ALA A 19 -0.28 7.07 6.34
N TYR A 20 -0.20 6.35 7.45
CA TYR A 20 -0.10 6.99 8.76
C TYR A 20 1.13 6.50 9.52
N CYS A 21 1.41 5.20 9.40
CA CYS A 21 2.56 4.60 10.07
C CYS A 21 3.57 4.09 9.06
N SER A 22 3.17 4.04 7.80
CA SER A 22 4.05 3.57 6.73
C SER A 22 4.41 2.10 6.94
N ALA A 23 3.43 1.32 7.39
CA ALA A 23 3.64 -0.10 7.63
C ALA A 23 2.94 -0.95 6.57
N GLU A 24 3.41 -2.18 6.39
CA GLU A 24 2.83 -3.08 5.41
C GLU A 24 1.30 -3.02 5.45
N ALA A 25 0.71 -2.45 4.40
CA ALA A 25 -0.73 -2.33 4.31
C ALA A 25 -1.37 -3.63 3.81
N SER A 26 -2.63 -3.84 4.16
CA SER A 26 -3.35 -5.04 3.73
C SER A 26 -4.53 -4.68 2.84
N LYS A 27 -5.18 -3.56 3.14
CA LYS A 27 -6.33 -3.11 2.37
C LYS A 27 -6.17 -1.65 1.96
N ARG A 28 -7.10 -1.16 1.15
CA ARG A 28 -7.05 0.23 0.69
C ARG A 28 -8.30 0.99 1.14
N CYS A 29 -8.26 2.30 1.00
CA CYS A 29 -9.39 3.14 1.38
C CYS A 29 -10.67 2.72 0.66
N SER A 30 -11.61 2.16 1.40
CA SER A 30 -12.86 1.69 0.83
C SER A 30 -13.67 2.87 0.28
N ARG A 31 -13.18 4.08 0.51
CA ARG A 31 -13.85 5.28 0.05
C ARG A 31 -13.49 5.59 -1.40
N CYS A 32 -12.19 5.57 -1.70
CA CYS A 32 -11.70 5.84 -3.05
C CYS A 32 -10.82 4.70 -3.55
N GLN A 33 -10.20 3.98 -2.62
CA GLN A 33 -9.33 2.87 -2.97
C GLN A 33 -8.06 3.36 -3.65
N ASN A 34 -7.62 4.56 -3.28
CA ASN A 34 -6.42 5.14 -3.86
C ASN A 34 -5.32 5.28 -2.81
N GLU A 35 -5.57 4.72 -1.64
CA GLU A 35 -4.60 4.78 -0.54
C GLU A 35 -4.48 3.43 0.16
N TRP A 36 -3.43 3.27 0.95
CA TRP A 36 -3.20 2.02 1.67
C TRP A 36 -3.13 2.28 3.18
N TYR A 37 -3.51 1.27 3.95
CA TYR A 37 -3.49 1.39 5.41
C TYR A 37 -3.40 0.01 6.06
N CYS A 38 -2.45 -0.14 6.99
CA CYS A 38 -2.25 -1.40 7.68
C CYS A 38 -3.45 -1.73 8.56
N CYS A 39 -4.04 -0.70 9.15
CA CYS A 39 -5.20 -0.88 10.02
C CYS A 39 -6.25 0.21 9.77
N ARG A 40 -7.45 0.02 10.30
CA ARG A 40 -8.53 0.98 10.14
C ARG A 40 -8.20 2.28 10.84
N GLU A 41 -7.73 2.19 12.08
CA GLU A 41 -7.38 3.37 12.85
C GLU A 41 -6.54 4.34 12.03
N CYS A 42 -5.46 3.83 11.46
CA CYS A 42 -4.56 4.65 10.64
C CYS A 42 -5.34 5.36 9.54
N GLN A 43 -6.10 4.60 8.77
CA GLN A 43 -6.90 5.16 7.68
C GLN A 43 -7.82 6.27 8.19
N VAL A 44 -7.96 6.34 9.51
CA VAL A 44 -8.82 7.35 10.13
C VAL A 44 -7.99 8.53 10.64
N LYS A 45 -6.80 8.23 11.14
CA LYS A 45 -5.91 9.27 11.66
C LYS A 45 -5.39 10.16 10.54
N HIS A 46 -4.89 9.53 9.47
CA HIS A 46 -4.38 10.26 8.32
C HIS A 46 -5.50 10.94 7.55
N TRP A 47 -6.73 10.54 7.84
CA TRP A 47 -7.90 11.10 7.17
C TRP A 47 -7.73 12.60 6.96
N GLU A 48 -7.54 13.32 8.06
CA GLU A 48 -7.37 14.78 8.01
C GLU A 48 -6.59 15.18 6.77
N LYS A 49 -5.59 14.38 6.42
CA LYS A 49 -4.75 14.65 5.26
C LYS A 49 -5.30 13.95 4.01
N HIS A 50 -5.78 12.72 4.21
CA HIS A 50 -6.33 11.94 3.11
C HIS A 50 -7.61 12.58 2.58
N GLY A 51 -8.61 12.70 3.45
CA GLY A 51 -9.88 13.29 3.05
C GLY A 51 -9.71 14.42 2.05
N LYS A 52 -8.57 15.11 2.14
CA LYS A 52 -8.28 16.22 1.24
C LYS A 52 -8.42 15.79 -0.21
N THR A 53 -7.79 14.68 -0.57
CA THR A 53 -7.84 14.16 -1.93
C THR A 53 -8.69 12.90 -2.00
N CYS A 54 -9.15 12.43 -0.84
CA CYS A 54 -9.97 11.24 -0.77
C CYS A 54 -11.10 11.29 -1.80
N SER A 55 -11.75 10.15 -2.03
CA SER A 55 -12.85 10.08 -2.99
C SER A 55 -12.36 10.36 -4.41
N GLY A 56 -11.11 10.01 -4.68
CA GLY A 56 -10.53 10.23 -5.99
C GLY A 56 -11.35 9.57 -7.09
N PRO A 57 -12.03 10.40 -7.90
CA PRO A 57 -12.87 9.92 -9.00
C PRO A 57 -12.03 9.34 -10.14
N SER A 58 -11.02 10.09 -10.58
CA SER A 58 -10.16 9.65 -11.66
C SER A 58 -8.69 9.88 -11.32
N SER A 59 -7.99 8.82 -10.99
CA SER A 59 -6.57 8.90 -10.63
C SER A 59 -5.80 7.72 -11.19
N GLY A 60 -4.75 8.03 -11.95
CA GLY A 60 -3.93 6.98 -12.55
C GLY A 60 -2.75 7.53 -13.32
N GLY A 1 36.33 -27.06 1.28
CA GLY A 1 35.27 -26.42 2.03
C GLY A 1 34.45 -25.46 1.19
N SER A 2 33.67 -26.01 0.27
CA SER A 2 32.84 -25.19 -0.61
C SER A 2 31.50 -24.89 0.03
N SER A 3 31.01 -23.66 -0.15
CA SER A 3 29.74 -23.25 0.42
C SER A 3 28.59 -23.64 -0.50
N GLY A 4 28.61 -23.13 -1.73
CA GLY A 4 27.55 -23.44 -2.67
C GLY A 4 27.15 -22.23 -3.49
N SER A 5 27.91 -21.92 -4.54
CA SER A 5 27.61 -20.78 -5.39
C SER A 5 27.03 -21.24 -6.72
N SER A 6 25.73 -21.52 -6.72
CA SER A 6 25.04 -21.98 -7.92
C SER A 6 23.53 -21.92 -7.75
N GLY A 7 22.90 -20.95 -8.39
CA GLY A 7 21.46 -20.80 -8.30
C GLY A 7 21.06 -19.45 -7.73
N LEU A 8 21.21 -18.40 -8.54
CA LEU A 8 20.85 -17.06 -8.12
C LEU A 8 19.41 -16.73 -8.46
N GLU A 9 18.49 -17.16 -7.59
CA GLU A 9 17.06 -16.92 -7.80
C GLU A 9 16.42 -16.32 -6.56
N ALA A 10 16.35 -14.99 -6.50
CA ALA A 10 15.76 -14.30 -5.37
C ALA A 10 14.63 -13.38 -5.81
N VAL A 11 13.40 -13.87 -5.69
CA VAL A 11 12.22 -13.09 -6.08
C VAL A 11 11.27 -12.92 -4.91
N ALA A 12 11.13 -11.69 -4.44
CA ALA A 12 10.25 -11.39 -3.32
C ALA A 12 8.97 -10.71 -3.80
N PRO A 13 7.86 -10.93 -3.07
CA PRO A 13 6.57 -10.35 -3.41
C PRO A 13 6.53 -8.84 -3.18
N GLU A 14 5.42 -8.22 -3.56
CA GLU A 14 5.27 -6.78 -3.40
C GLU A 14 4.09 -6.46 -2.47
N ARG A 15 4.18 -5.32 -1.79
CA ARG A 15 3.12 -4.90 -0.88
C ARG A 15 3.13 -3.39 -0.71
N PRO A 16 1.92 -2.81 -0.50
CA PRO A 16 1.76 -1.36 -0.32
C PRO A 16 2.33 -0.88 1.01
N ARG A 17 1.95 0.33 1.41
CA ARG A 17 2.43 0.91 2.65
C ARG A 17 1.39 1.86 3.25
N CYS A 18 1.24 1.82 4.57
CA CYS A 18 0.29 2.68 5.25
C CYS A 18 0.57 4.16 4.99
N ALA A 19 -0.42 5.00 5.23
CA ALA A 19 -0.27 6.44 5.01
C ALA A 19 -0.17 7.18 6.33
N TYR A 20 -0.14 6.44 7.43
CA TYR A 20 -0.05 7.03 8.77
C TYR A 20 1.19 6.52 9.50
N CYS A 21 1.46 5.22 9.37
CA CYS A 21 2.61 4.61 10.02
C CYS A 21 3.61 4.10 8.99
N SER A 22 3.20 4.09 7.73
CA SER A 22 4.06 3.63 6.64
C SER A 22 4.41 2.15 6.83
N ALA A 23 3.44 1.37 7.31
CA ALA A 23 3.66 -0.06 7.54
C ALA A 23 2.99 -0.89 6.44
N GLU A 24 3.46 -2.12 6.28
CA GLU A 24 2.92 -3.02 5.27
C GLU A 24 1.39 -3.01 5.31
N ALA A 25 0.78 -2.43 4.29
CA ALA A 25 -0.68 -2.35 4.21
C ALA A 25 -1.24 -3.57 3.48
N SER A 26 -2.52 -3.85 3.72
CA SER A 26 -3.18 -5.00 3.09
C SER A 26 -4.48 -4.57 2.43
N LYS A 27 -5.17 -3.62 3.04
CA LYS A 27 -6.44 -3.12 2.51
C LYS A 27 -6.32 -1.64 2.13
N ARG A 28 -7.02 -1.24 1.07
CA ARG A 28 -6.99 0.14 0.62
C ARG A 28 -8.25 0.88 1.06
N CYS A 29 -8.23 2.20 0.92
CA CYS A 29 -9.37 3.03 1.30
C CYS A 29 -10.63 2.59 0.58
N SER A 30 -11.62 2.13 1.34
CA SER A 30 -12.88 1.68 0.77
C SER A 30 -13.69 2.85 0.24
N ARG A 31 -13.13 4.05 0.36
CA ARG A 31 -13.80 5.25 -0.11
C ARG A 31 -13.38 5.59 -1.53
N CYS A 32 -12.07 5.57 -1.79
CA CYS A 32 -11.54 5.87 -3.11
C CYS A 32 -10.66 4.73 -3.61
N GLN A 33 -10.18 3.91 -2.69
CA GLN A 33 -9.33 2.77 -3.03
C GLN A 33 -8.06 3.25 -3.73
N ASN A 34 -7.59 4.44 -3.35
CA ASN A 34 -6.38 5.01 -3.93
C ASN A 34 -5.29 5.15 -2.89
N GLU A 35 -5.59 4.71 -1.66
CA GLU A 35 -4.64 4.79 -0.57
C GLU A 35 -4.51 3.45 0.15
N TRP A 36 -3.47 3.32 0.96
CA TRP A 36 -3.23 2.08 1.70
C TRP A 36 -3.16 2.35 3.20
N TYR A 37 -3.56 1.35 3.99
CA TYR A 37 -3.54 1.48 5.44
C TYR A 37 -3.45 0.12 6.11
N CYS A 38 -2.42 -0.08 6.91
CA CYS A 38 -2.22 -1.34 7.61
C CYS A 38 -3.41 -1.67 8.50
N CYS A 39 -3.99 -0.63 9.10
CA CYS A 39 -5.14 -0.81 9.99
C CYS A 39 -6.17 0.29 9.76
N ARG A 40 -7.41 0.02 10.15
CA ARG A 40 -8.49 0.99 9.99
C ARG A 40 -8.17 2.30 10.72
N GLU A 41 -7.69 2.16 11.95
CA GLU A 41 -7.35 3.34 12.76
C GLU A 41 -6.51 4.32 11.96
N CYS A 42 -5.42 3.84 11.38
CA CYS A 42 -4.53 4.67 10.58
C CYS A 42 -5.32 5.42 9.50
N GLN A 43 -6.12 4.67 8.75
CA GLN A 43 -6.93 5.26 7.69
C GLN A 43 -7.84 6.35 8.22
N VAL A 44 -7.98 6.40 9.55
CA VAL A 44 -8.83 7.39 10.18
C VAL A 44 -8.00 8.56 10.72
N LYS A 45 -6.81 8.25 11.21
CA LYS A 45 -5.92 9.28 11.74
C LYS A 45 -5.39 10.18 10.63
N HIS A 46 -4.90 9.55 9.55
CA HIS A 46 -4.37 10.30 8.42
C HIS A 46 -5.50 10.92 7.60
N TRP A 47 -6.73 10.56 7.93
CA TRP A 47 -7.89 11.09 7.23
C TRP A 47 -7.72 12.58 6.93
N GLU A 48 -7.59 13.38 7.99
CA GLU A 48 -7.42 14.82 7.84
C GLU A 48 -6.58 15.14 6.61
N LYS A 49 -5.50 14.39 6.42
CA LYS A 49 -4.61 14.59 5.29
C LYS A 49 -5.12 13.85 4.06
N HIS A 50 -5.79 12.72 4.29
CA HIS A 50 -6.34 11.92 3.19
C HIS A 50 -7.61 12.55 2.64
N GLY A 51 -8.64 12.63 3.48
CA GLY A 51 -9.90 13.21 3.05
C GLY A 51 -9.71 14.32 2.03
N LYS A 52 -8.65 15.09 2.18
CA LYS A 52 -8.36 16.18 1.26
C LYS A 52 -8.47 15.73 -0.19
N THR A 53 -7.76 14.67 -0.53
CA THR A 53 -7.78 14.13 -1.88
C THR A 53 -8.63 12.86 -1.95
N CYS A 54 -9.08 12.39 -0.79
CA CYS A 54 -9.91 11.19 -0.73
C CYS A 54 -11.04 11.25 -1.74
N SER A 55 -11.67 10.11 -1.97
CA SER A 55 -12.78 10.02 -2.93
C SER A 55 -12.33 10.44 -4.33
N GLY A 56 -11.09 10.09 -4.66
CA GLY A 56 -10.55 10.44 -5.97
C GLY A 56 -11.18 9.63 -7.09
N PRO A 57 -11.97 10.31 -7.95
CA PRO A 57 -12.64 9.66 -9.08
C PRO A 57 -11.66 9.22 -10.16
N SER A 58 -10.47 9.80 -10.14
CA SER A 58 -9.45 9.47 -11.13
C SER A 58 -9.52 8.00 -11.53
N SER A 59 -9.22 7.72 -12.78
CA SER A 59 -9.26 6.35 -13.30
C SER A 59 -10.67 5.77 -13.18
N GLY A 60 -11.67 6.58 -13.54
CA GLY A 60 -13.04 6.12 -13.46
C GLY A 60 -13.82 6.43 -14.73
N GLY A 1 38.90 -23.18 -20.99
CA GLY A 1 38.16 -22.01 -20.56
C GLY A 1 36.69 -22.10 -20.93
N SER A 2 35.89 -22.67 -20.03
CA SER A 2 34.46 -22.83 -20.27
C SER A 2 33.68 -22.74 -18.96
N SER A 3 32.72 -21.81 -18.91
CA SER A 3 31.90 -21.62 -17.72
C SER A 3 30.42 -21.77 -18.04
N GLY A 4 29.60 -21.89 -17.01
CA GLY A 4 28.17 -22.03 -17.20
C GLY A 4 27.38 -21.72 -15.95
N SER A 5 27.61 -20.54 -15.38
CA SER A 5 26.91 -20.13 -14.17
C SER A 5 26.14 -18.83 -14.40
N SER A 6 24.82 -18.92 -14.28
CA SER A 6 23.96 -17.75 -14.48
C SER A 6 22.59 -17.97 -13.84
N GLY A 7 22.30 -17.18 -12.80
CA GLY A 7 21.03 -17.30 -12.12
C GLY A 7 20.77 -16.13 -11.19
N LEU A 8 21.11 -14.93 -11.63
CA LEU A 8 20.91 -13.73 -10.82
C LEU A 8 19.47 -13.24 -10.93
N GLU A 9 18.53 -14.17 -10.88
CA GLU A 9 17.11 -13.84 -10.97
C GLU A 9 16.53 -13.57 -9.59
N ALA A 10 16.46 -12.30 -9.21
CA ALA A 10 15.92 -11.91 -7.92
C ALA A 10 14.42 -11.63 -8.01
N VAL A 11 13.61 -12.56 -7.50
CA VAL A 11 12.16 -12.40 -7.52
C VAL A 11 11.61 -12.21 -6.12
N ALA A 12 11.12 -10.99 -5.85
CA ALA A 12 10.56 -10.68 -4.54
C ALA A 12 9.13 -10.16 -4.67
N PRO A 13 8.31 -10.41 -3.65
CA PRO A 13 6.91 -9.98 -3.62
C PRO A 13 6.78 -8.47 -3.47
N GLU A 14 5.57 -7.97 -3.66
CA GLU A 14 5.31 -6.54 -3.54
C GLU A 14 4.16 -6.27 -2.57
N ARG A 15 4.20 -5.10 -1.93
CA ARG A 15 3.17 -4.73 -0.97
C ARG A 15 3.11 -3.22 -0.79
N PRO A 16 1.91 -2.69 -0.54
CA PRO A 16 1.69 -1.26 -0.35
C PRO A 16 2.29 -0.75 0.96
N ARG A 17 1.86 0.44 1.39
CA ARG A 17 2.35 1.03 2.62
C ARG A 17 1.31 1.96 3.23
N CYS A 18 1.15 1.88 4.55
CA CYS A 18 0.18 2.72 5.25
C CYS A 18 0.43 4.19 4.97
N ALA A 19 -0.58 5.01 5.22
CA ALA A 19 -0.48 6.45 4.99
C ALA A 19 -0.36 7.20 6.31
N TYR A 20 -0.25 6.47 7.40
CA TYR A 20 -0.14 7.06 8.72
C TYR A 20 1.12 6.58 9.44
N CYS A 21 1.40 5.29 9.32
CA CYS A 21 2.58 4.70 9.95
C CYS A 21 3.56 4.19 8.89
N SER A 22 3.12 4.17 7.64
CA SER A 22 3.96 3.70 6.54
C SER A 22 4.34 2.24 6.73
N ALA A 23 3.40 1.45 7.24
CA ALA A 23 3.64 0.04 7.47
C ALA A 23 2.94 -0.82 6.42
N GLU A 24 3.44 -2.03 6.23
CA GLU A 24 2.88 -2.94 5.24
C GLU A 24 1.35 -2.92 5.29
N ALA A 25 0.74 -2.35 4.25
CA ALA A 25 -0.72 -2.26 4.18
C ALA A 25 -1.30 -3.50 3.51
N SER A 26 -2.57 -3.77 3.81
CA SER A 26 -3.26 -4.92 3.23
C SER A 26 -4.57 -4.51 2.56
N LYS A 27 -5.23 -3.53 3.16
CA LYS A 27 -6.50 -3.03 2.63
C LYS A 27 -6.38 -1.57 2.21
N ARG A 28 -7.07 -1.21 1.13
CA ARG A 28 -7.04 0.16 0.63
C ARG A 28 -8.28 0.93 1.08
N CYS A 29 -8.24 2.24 0.90
CA CYS A 29 -9.36 3.10 1.29
C CYS A 29 -10.65 2.65 0.60
N SER A 30 -11.65 2.31 1.40
CA SER A 30 -12.94 1.87 0.88
C SER A 30 -13.73 3.05 0.33
N ARG A 31 -13.10 4.22 0.29
CA ARG A 31 -13.75 5.42 -0.21
C ARG A 31 -13.29 5.74 -1.63
N CYS A 32 -11.99 5.63 -1.86
CA CYS A 32 -11.42 5.91 -3.19
C CYS A 32 -10.55 4.75 -3.65
N GLN A 33 -10.12 3.93 -2.70
CA GLN A 33 -9.27 2.78 -3.02
C GLN A 33 -7.97 3.23 -3.70
N ASN A 34 -7.58 4.47 -3.44
CA ASN A 34 -6.36 5.02 -4.03
C ASN A 34 -5.26 5.13 -2.98
N GLU A 35 -5.58 4.79 -1.75
CA GLU A 35 -4.62 4.84 -0.65
C GLU A 35 -4.49 3.48 0.03
N TRP A 36 -3.49 3.35 0.90
CA TRP A 36 -3.26 2.11 1.62
C TRP A 36 -3.18 2.36 3.13
N TYR A 37 -3.54 1.35 3.91
CA TYR A 37 -3.52 1.46 5.36
C TYR A 37 -3.41 0.08 6.01
N CYS A 38 -2.43 -0.07 6.91
CA CYS A 38 -2.22 -1.33 7.60
C CYS A 38 -3.41 -1.66 8.50
N CYS A 39 -4.00 -0.63 9.08
CA CYS A 39 -5.15 -0.82 9.97
C CYS A 39 -6.20 0.27 9.73
N ARG A 40 -7.42 0.02 10.19
CA ARG A 40 -8.51 0.98 10.03
C ARG A 40 -8.19 2.29 10.74
N GLU A 41 -7.72 2.19 11.98
CA GLU A 41 -7.39 3.36 12.78
C GLU A 41 -6.53 4.33 11.96
N CYS A 42 -5.44 3.83 11.41
CA CYS A 42 -4.53 4.65 10.61
C CYS A 42 -5.31 5.38 9.51
N GLN A 43 -6.09 4.63 8.74
CA GLN A 43 -6.87 5.21 7.65
C GLN A 43 -7.77 6.32 8.17
N VAL A 44 -7.91 6.40 9.49
CA VAL A 44 -8.74 7.43 10.10
C VAL A 44 -7.90 8.57 10.65
N LYS A 45 -6.73 8.24 11.17
CA LYS A 45 -5.82 9.24 11.73
C LYS A 45 -5.31 10.17 10.64
N HIS A 46 -4.83 9.59 9.54
CA HIS A 46 -4.31 10.38 8.43
C HIS A 46 -5.44 10.98 7.62
N TRP A 47 -6.66 10.56 7.92
CA TRP A 47 -7.84 11.06 7.21
C TRP A 47 -7.73 12.57 6.98
N GLU A 48 -7.67 13.33 8.07
CA GLU A 48 -7.57 14.78 7.98
C GLU A 48 -6.70 15.19 6.80
N LYS A 49 -5.69 14.38 6.49
CA LYS A 49 -4.79 14.65 5.38
C LYS A 49 -5.25 13.94 4.12
N HIS A 50 -5.81 12.75 4.29
CA HIS A 50 -6.29 11.95 3.16
C HIS A 50 -7.57 12.54 2.59
N GLY A 51 -8.59 12.63 3.44
CA GLY A 51 -9.87 13.18 3.01
C GLY A 51 -9.72 14.27 1.97
N LYS A 52 -8.67 15.08 2.11
CA LYS A 52 -8.40 16.16 1.19
C LYS A 52 -8.43 15.67 -0.25
N THR A 53 -7.66 14.62 -0.53
CA THR A 53 -7.60 14.05 -1.86
C THR A 53 -8.52 12.84 -1.99
N CYS A 54 -9.01 12.35 -0.86
CA CYS A 54 -9.90 11.20 -0.85
C CYS A 54 -11.02 11.37 -1.86
N SER A 55 -11.74 10.28 -2.14
CA SER A 55 -12.84 10.31 -3.10
C SER A 55 -12.40 10.95 -4.41
N GLY A 56 -11.21 10.58 -4.86
CA GLY A 56 -10.69 11.13 -6.11
C GLY A 56 -11.66 10.97 -7.26
N PRO A 57 -11.37 10.03 -8.17
CA PRO A 57 -12.22 9.77 -9.34
C PRO A 57 -13.55 9.13 -8.95
N SER A 58 -14.49 9.95 -8.50
CA SER A 58 -15.80 9.46 -8.09
C SER A 58 -16.90 10.36 -8.65
N SER A 59 -16.72 11.66 -8.50
CA SER A 59 -17.70 12.63 -8.98
C SER A 59 -17.01 13.88 -9.54
N GLY A 60 -17.71 14.57 -10.44
CA GLY A 60 -17.15 15.77 -11.04
C GLY A 60 -16.87 16.85 -10.01
N GLY A 1 32.85 -10.68 -22.65
CA GLY A 1 32.01 -11.83 -22.94
C GLY A 1 31.16 -12.23 -21.75
N SER A 2 30.47 -13.36 -21.88
CA SER A 2 29.61 -13.86 -20.81
C SER A 2 30.18 -15.12 -20.19
N SER A 3 29.62 -15.53 -19.06
CA SER A 3 30.08 -16.73 -18.36
C SER A 3 29.25 -17.94 -18.76
N GLY A 4 27.94 -17.76 -18.82
CA GLY A 4 27.05 -18.85 -19.18
C GLY A 4 25.63 -18.63 -18.67
N SER A 5 24.93 -19.73 -18.42
CA SER A 5 23.55 -19.67 -17.93
C SER A 5 23.46 -18.74 -16.71
N SER A 6 22.91 -17.55 -16.94
CA SER A 6 22.77 -16.57 -15.87
C SER A 6 21.37 -16.64 -15.25
N GLY A 7 20.35 -16.45 -16.08
CA GLY A 7 18.98 -16.49 -15.61
C GLY A 7 18.46 -15.13 -15.21
N LEU A 8 18.89 -14.65 -14.04
CA LEU A 8 18.45 -13.35 -13.55
C LEU A 8 16.93 -13.30 -13.41
N GLU A 9 16.35 -14.40 -12.95
CA GLU A 9 14.91 -14.49 -12.77
C GLU A 9 14.55 -14.66 -11.29
N ALA A 10 14.19 -13.56 -10.64
CA ALA A 10 13.83 -13.59 -9.23
C ALA A 10 12.39 -13.12 -9.02
N VAL A 11 11.47 -14.08 -8.91
CA VAL A 11 10.06 -13.76 -8.72
C VAL A 11 9.75 -13.56 -7.23
N ALA A 12 9.40 -12.32 -6.88
CA ALA A 12 9.09 -11.99 -5.49
C ALA A 12 7.78 -11.19 -5.41
N PRO A 13 7.06 -11.36 -4.30
CA PRO A 13 5.79 -10.67 -4.07
C PRO A 13 5.97 -9.18 -3.83
N GLU A 14 4.94 -8.54 -3.29
CA GLU A 14 5.00 -7.11 -3.01
C GLU A 14 3.93 -6.71 -2.00
N ARG A 15 4.00 -5.47 -1.52
CA ARG A 15 3.04 -4.97 -0.55
C ARG A 15 3.08 -3.45 -0.48
N PRO A 16 1.90 -2.82 -0.33
CA PRO A 16 1.78 -1.37 -0.25
C PRO A 16 2.35 -0.81 1.06
N ARG A 17 1.99 0.44 1.37
CA ARG A 17 2.47 1.08 2.59
C ARG A 17 1.39 1.98 3.18
N CYS A 18 1.24 1.93 4.50
CA CYS A 18 0.25 2.74 5.19
C CYS A 18 0.45 4.23 4.91
N ALA A 19 -0.56 5.03 5.20
CA ALA A 19 -0.49 6.47 4.98
C ALA A 19 -0.37 7.22 6.30
N TYR A 20 -0.23 6.47 7.39
CA TYR A 20 -0.11 7.08 8.71
C TYR A 20 1.15 6.58 9.42
N CYS A 21 1.44 5.29 9.28
CA CYS A 21 2.61 4.69 9.90
C CYS A 21 3.58 4.17 8.84
N SER A 22 3.14 4.20 7.58
CA SER A 22 3.98 3.73 6.47
C SER A 22 4.35 2.26 6.66
N ALA A 23 3.42 1.50 7.24
CA ALA A 23 3.66 0.08 7.47
C ALA A 23 3.00 -0.77 6.38
N GLU A 24 3.45 -2.02 6.26
CA GLU A 24 2.90 -2.93 5.26
C GLU A 24 1.37 -2.90 5.27
N ALA A 25 0.80 -2.31 4.23
CA ALA A 25 -0.65 -2.22 4.12
C ALA A 25 -1.23 -3.43 3.40
N SER A 26 -2.50 -3.73 3.66
CA SER A 26 -3.17 -4.87 3.04
C SER A 26 -4.50 -4.44 2.42
N LYS A 27 -5.18 -3.51 3.09
CA LYS A 27 -6.46 -3.02 2.61
C LYS A 27 -6.37 -1.56 2.19
N ARG A 28 -7.07 -1.21 1.12
CA ARG A 28 -7.06 0.16 0.62
C ARG A 28 -8.29 0.93 1.10
N CYS A 29 -8.28 2.24 0.91
CA CYS A 29 -9.40 3.09 1.33
C CYS A 29 -10.69 2.64 0.66
N SER A 30 -11.64 2.19 1.47
CA SER A 30 -12.93 1.74 0.97
C SER A 30 -13.76 2.90 0.45
N ARG A 31 -13.20 4.10 0.54
CA ARG A 31 -13.88 5.30 0.08
C ARG A 31 -13.51 5.62 -1.37
N CYS A 32 -12.22 5.57 -1.67
CA CYS A 32 -11.74 5.85 -3.02
C CYS A 32 -10.85 4.71 -3.53
N GLN A 33 -10.32 3.92 -2.60
CA GLN A 33 -9.46 2.80 -2.95
C GLN A 33 -8.22 3.28 -3.67
N ASN A 34 -7.76 4.49 -3.32
CA ASN A 34 -6.57 5.06 -3.94
C ASN A 34 -5.45 5.22 -2.92
N GLU A 35 -5.69 4.74 -1.70
CA GLU A 35 -4.70 4.84 -0.63
C GLU A 35 -4.51 3.48 0.06
N TRP A 36 -3.51 3.40 0.92
CA TRP A 36 -3.22 2.17 1.64
C TRP A 36 -3.15 2.42 3.14
N TYR A 37 -3.53 1.41 3.92
CA TYR A 37 -3.52 1.52 5.37
C TYR A 37 -3.42 0.15 6.03
N CYS A 38 -2.40 -0.04 6.86
CA CYS A 38 -2.19 -1.30 7.55
C CYS A 38 -3.39 -1.64 8.43
N CYS A 39 -3.96 -0.62 9.05
CA CYS A 39 -5.12 -0.81 9.93
C CYS A 39 -6.16 0.28 9.70
N ARG A 40 -7.38 0.03 10.15
CA ARG A 40 -8.47 0.99 10.00
C ARG A 40 -8.15 2.29 10.73
N GLU A 41 -7.67 2.17 11.96
CA GLU A 41 -7.33 3.33 12.77
C GLU A 41 -6.50 4.33 11.96
N CYS A 42 -5.41 3.85 11.38
CA CYS A 42 -4.53 4.69 10.58
C CYS A 42 -5.32 5.43 9.49
N GLN A 43 -6.11 4.68 8.74
CA GLN A 43 -6.91 5.26 7.67
C GLN A 43 -7.85 6.34 8.21
N VAL A 44 -8.00 6.37 9.53
CA VAL A 44 -8.86 7.36 10.18
C VAL A 44 -8.03 8.52 10.73
N LYS A 45 -6.83 8.21 11.19
CA LYS A 45 -5.94 9.23 11.75
C LYS A 45 -5.40 10.13 10.66
N HIS A 46 -4.93 9.53 9.57
CA HIS A 46 -4.38 10.29 8.44
C HIS A 46 -5.51 10.95 7.64
N TRP A 47 -6.74 10.56 7.93
CA TRP A 47 -7.90 11.11 7.23
C TRP A 47 -7.73 12.61 7.01
N GLU A 48 -7.57 13.36 8.09
CA GLU A 48 -7.41 14.80 8.02
C GLU A 48 -6.59 15.20 6.79
N LYS A 49 -5.60 14.35 6.47
CA LYS A 49 -4.74 14.60 5.31
C LYS A 49 -5.27 13.88 4.07
N HIS A 50 -5.78 12.67 4.26
CA HIS A 50 -6.31 11.89 3.16
C HIS A 50 -7.58 12.52 2.62
N GLY A 51 -8.59 12.65 3.47
CA GLY A 51 -9.85 13.23 3.04
C GLY A 51 -9.67 14.33 2.01
N LYS A 52 -8.56 15.04 2.10
CA LYS A 52 -8.26 16.13 1.16
C LYS A 52 -8.35 15.64 -0.27
N THR A 53 -7.70 14.51 -0.56
CA THR A 53 -7.72 13.94 -1.90
C THR A 53 -8.72 12.79 -2.00
N CYS A 54 -9.17 12.31 -0.84
CA CYS A 54 -10.13 11.21 -0.80
C CYS A 54 -11.31 11.48 -1.73
N SER A 55 -12.13 10.46 -1.94
CA SER A 55 -13.29 10.59 -2.83
C SER A 55 -12.88 11.14 -4.19
N GLY A 56 -11.74 10.69 -4.68
CA GLY A 56 -11.26 11.14 -5.98
C GLY A 56 -12.21 10.83 -7.10
N PRO A 57 -11.91 9.76 -7.86
CA PRO A 57 -12.74 9.33 -8.99
C PRO A 57 -14.08 8.74 -8.53
N SER A 58 -14.23 8.59 -7.23
CA SER A 58 -15.45 8.03 -6.66
C SER A 58 -16.37 9.13 -6.14
N SER A 59 -17.67 8.84 -6.07
CA SER A 59 -18.64 9.81 -5.60
C SER A 59 -18.09 10.60 -4.41
N GLY A 60 -18.52 11.86 -4.29
CA GLY A 60 -18.06 12.69 -3.20
C GLY A 60 -19.15 13.61 -2.67
N GLY A 1 36.02 -21.10 -19.27
CA GLY A 1 36.26 -19.69 -19.00
C GLY A 1 35.75 -19.27 -17.63
N SER A 2 35.02 -18.17 -17.59
CA SER A 2 34.48 -17.65 -16.33
C SER A 2 32.95 -17.70 -16.35
N SER A 3 32.39 -18.77 -15.79
CA SER A 3 30.94 -18.94 -15.74
C SER A 3 30.25 -17.62 -15.40
N GLY A 4 30.82 -16.89 -14.46
CA GLY A 4 30.25 -15.62 -14.06
C GLY A 4 28.74 -15.66 -14.00
N SER A 5 28.20 -16.66 -13.33
CA SER A 5 26.76 -16.82 -13.20
C SER A 5 26.34 -16.88 -11.74
N SER A 6 25.07 -16.61 -11.48
CA SER A 6 24.55 -16.63 -10.11
C SER A 6 23.47 -17.71 -9.96
N GLY A 7 23.56 -18.46 -8.87
CA GLY A 7 22.60 -19.51 -8.62
C GLY A 7 21.58 -19.14 -7.56
N LEU A 8 21.36 -17.84 -7.39
CA LEU A 8 20.42 -17.34 -6.40
C LEU A 8 19.15 -16.79 -7.07
N GLU A 9 18.12 -17.64 -7.14
CA GLU A 9 16.87 -17.24 -7.76
C GLU A 9 15.79 -17.02 -6.71
N ALA A 10 15.77 -15.82 -6.12
CA ALA A 10 14.80 -15.48 -5.11
C ALA A 10 13.87 -14.37 -5.58
N VAL A 11 12.59 -14.71 -5.76
CA VAL A 11 11.60 -13.75 -6.23
C VAL A 11 10.54 -13.51 -5.16
N ALA A 12 10.64 -12.38 -4.47
CA ALA A 12 9.69 -12.03 -3.42
C ALA A 12 8.57 -11.16 -3.97
N PRO A 13 7.37 -11.28 -3.38
CA PRO A 13 6.20 -10.49 -3.80
C PRO A 13 6.33 -9.02 -3.43
N GLU A 14 5.20 -8.31 -3.46
CA GLU A 14 5.20 -6.89 -3.15
C GLU A 14 4.02 -6.54 -2.24
N ARG A 15 4.07 -5.35 -1.65
CA ARG A 15 3.00 -4.89 -0.77
C ARG A 15 3.02 -3.38 -0.62
N PRO A 16 1.84 -2.78 -0.42
CA PRO A 16 1.70 -1.34 -0.27
C PRO A 16 2.27 -0.83 1.05
N ARG A 17 1.90 0.39 1.43
CA ARG A 17 2.39 0.98 2.67
C ARG A 17 1.35 1.93 3.27
N CYS A 18 1.23 1.92 4.59
CA CYS A 18 0.27 2.78 5.28
C CYS A 18 0.55 4.25 4.98
N ALA A 19 -0.45 5.09 5.23
CA ALA A 19 -0.31 6.52 4.99
C ALA A 19 -0.18 7.29 6.31
N TYR A 20 -0.16 6.55 7.41
CA TYR A 20 -0.04 7.17 8.73
C TYR A 20 1.21 6.67 9.45
N CYS A 21 1.46 5.37 9.36
CA CYS A 21 2.63 4.77 9.99
C CYS A 21 3.62 4.25 8.95
N SER A 22 3.19 4.24 7.69
CA SER A 22 4.03 3.77 6.60
C SER A 22 4.41 2.31 6.80
N ALA A 23 3.45 1.52 7.29
CA ALA A 23 3.68 0.09 7.53
C ALA A 23 2.99 -0.75 6.47
N GLU A 24 3.48 -1.98 6.28
CA GLU A 24 2.91 -2.89 5.31
C GLU A 24 1.39 -2.84 5.32
N ALA A 25 0.80 -2.28 4.28
CA ALA A 25 -0.65 -2.16 4.17
C ALA A 25 -1.25 -3.41 3.52
N SER A 26 -2.53 -3.64 3.80
CA SER A 26 -3.22 -4.80 3.24
C SER A 26 -4.54 -4.39 2.59
N LYS A 27 -5.21 -3.41 3.21
CA LYS A 27 -6.48 -2.91 2.69
C LYS A 27 -6.36 -1.47 2.25
N ARG A 28 -7.16 -1.09 1.25
CA ARG A 28 -7.14 0.27 0.73
C ARG A 28 -8.37 1.05 1.19
N CYS A 29 -8.34 2.36 0.99
CA CYS A 29 -9.45 3.22 1.39
C CYS A 29 -10.77 2.74 0.77
N SER A 30 -11.68 2.28 1.62
CA SER A 30 -12.97 1.80 1.16
C SER A 30 -13.80 2.93 0.57
N ARG A 31 -13.27 4.14 0.64
CA ARG A 31 -13.96 5.31 0.12
C ARG A 31 -13.60 5.56 -1.33
N CYS A 32 -12.30 5.62 -1.62
CA CYS A 32 -11.82 5.84 -2.98
C CYS A 32 -10.96 4.67 -3.45
N GLN A 33 -10.37 3.95 -2.50
CA GLN A 33 -9.52 2.81 -2.83
C GLN A 33 -8.26 3.25 -3.56
N ASN A 34 -7.80 4.45 -3.25
CA ASN A 34 -6.59 5.00 -3.88
C ASN A 34 -5.46 5.13 -2.87
N GLU A 35 -5.74 4.78 -1.62
CA GLU A 35 -4.74 4.86 -0.56
C GLU A 35 -4.57 3.51 0.13
N TRP A 36 -3.52 3.40 0.94
CA TRP A 36 -3.24 2.16 1.65
C TRP A 36 -3.14 2.41 3.15
N TYR A 37 -3.51 1.40 3.94
CA TYR A 37 -3.47 1.52 5.40
C TYR A 37 -3.35 0.15 6.05
N CYS A 38 -2.36 -0.01 6.91
CA CYS A 38 -2.13 -1.28 7.61
C CYS A 38 -3.32 -1.62 8.49
N CYS A 39 -3.89 -0.61 9.13
CA CYS A 39 -5.04 -0.82 10.02
C CYS A 39 -6.09 0.28 9.80
N ARG A 40 -7.34 -0.03 10.12
CA ARG A 40 -8.43 0.92 9.97
C ARG A 40 -8.13 2.22 10.70
N GLU A 41 -7.66 2.10 11.94
CA GLU A 41 -7.33 3.26 12.76
C GLU A 41 -6.53 4.28 11.95
N CYS A 42 -5.40 3.83 11.42
CA CYS A 42 -4.53 4.70 10.63
C CYS A 42 -5.31 5.41 9.53
N GLN A 43 -6.05 4.63 8.74
CA GLN A 43 -6.85 5.18 7.66
C GLN A 43 -7.76 6.31 8.17
N VAL A 44 -7.99 6.32 9.48
CA VAL A 44 -8.84 7.33 10.09
C VAL A 44 -8.01 8.50 10.60
N LYS A 45 -6.84 8.20 11.14
CA LYS A 45 -5.94 9.22 11.67
C LYS A 45 -5.43 10.13 10.56
N HIS A 46 -4.90 9.51 9.50
CA HIS A 46 -4.39 10.26 8.36
C HIS A 46 -5.52 10.93 7.58
N TRP A 47 -6.75 10.54 7.90
CA TRP A 47 -7.92 11.11 7.23
C TRP A 47 -7.74 12.60 6.98
N GLU A 48 -7.61 13.36 8.07
CA GLU A 48 -7.43 14.81 7.97
C GLU A 48 -6.59 15.17 6.76
N LYS A 49 -5.60 14.33 6.45
CA LYS A 49 -4.73 14.56 5.31
C LYS A 49 -5.25 13.84 4.07
N HIS A 50 -5.84 12.67 4.27
CA HIS A 50 -6.38 11.88 3.16
C HIS A 50 -7.65 12.53 2.60
N GLY A 51 -8.66 12.67 3.46
CA GLY A 51 -9.91 13.27 3.03
C GLY A 51 -9.70 14.37 2.01
N LYS A 52 -8.57 15.07 2.10
CA LYS A 52 -8.26 16.15 1.19
C LYS A 52 -8.34 15.67 -0.26
N THR A 53 -7.66 14.57 -0.56
CA THR A 53 -7.66 14.01 -1.90
C THR A 53 -8.56 12.78 -1.99
N CYS A 54 -9.09 12.36 -0.85
CA CYS A 54 -9.98 11.20 -0.80
C CYS A 54 -11.07 11.31 -1.85
N SER A 55 -11.74 10.19 -2.12
CA SER A 55 -12.81 10.15 -3.11
C SER A 55 -12.26 10.40 -4.51
N GLY A 56 -11.02 9.98 -4.73
CA GLY A 56 -10.40 10.17 -6.03
C GLY A 56 -11.15 9.46 -7.15
N PRO A 57 -11.79 10.25 -8.02
CA PRO A 57 -12.57 9.71 -9.15
C PRO A 57 -11.67 9.09 -10.22
N SER A 58 -11.88 7.79 -10.47
CA SER A 58 -11.10 7.07 -11.45
C SER A 58 -11.05 7.84 -12.78
N SER A 59 -9.93 7.75 -13.47
CA SER A 59 -9.76 8.43 -14.75
C SER A 59 -10.37 9.83 -14.70
N GLY A 60 -10.12 10.54 -13.60
CA GLY A 60 -10.66 11.89 -13.45
C GLY A 60 -9.78 12.94 -14.09
N GLY A 1 36.92 -23.46 -19.24
CA GLY A 1 35.64 -23.43 -18.56
C GLY A 1 34.63 -22.53 -19.24
N SER A 2 34.90 -21.23 -19.23
CA SER A 2 34.01 -20.25 -19.86
C SER A 2 32.56 -20.61 -19.59
N SER A 3 32.26 -21.02 -18.36
CA SER A 3 30.91 -21.40 -17.97
C SER A 3 30.11 -20.17 -17.51
N GLY A 4 28.79 -20.29 -17.54
CA GLY A 4 27.94 -19.19 -17.11
C GLY A 4 26.47 -19.52 -17.23
N SER A 5 26.06 -20.65 -16.65
CA SER A 5 24.67 -21.08 -16.70
C SER A 5 23.92 -20.63 -15.45
N SER A 6 24.19 -19.41 -15.00
CA SER A 6 23.55 -18.86 -13.81
C SER A 6 23.71 -17.35 -13.76
N GLY A 7 22.59 -16.65 -13.60
CA GLY A 7 22.62 -15.20 -13.54
C GLY A 7 21.75 -14.65 -12.42
N LEU A 8 22.04 -13.42 -12.00
CA LEU A 8 21.29 -12.79 -10.94
C LEU A 8 19.79 -12.85 -11.22
N GLU A 9 19.14 -13.87 -10.69
CA GLU A 9 17.70 -14.05 -10.88
C GLU A 9 16.96 -14.04 -9.55
N ALA A 10 16.72 -12.84 -9.02
CA ALA A 10 16.02 -12.69 -7.75
C ALA A 10 14.67 -12.01 -7.93
N VAL A 11 13.60 -12.80 -7.88
CA VAL A 11 12.25 -12.27 -8.03
C VAL A 11 11.55 -12.14 -6.69
N ALA A 12 11.20 -10.92 -6.33
CA ALA A 12 10.51 -10.65 -5.07
C ALA A 12 9.15 -10.03 -5.30
N PRO A 13 8.21 -10.29 -4.38
CA PRO A 13 6.85 -9.76 -4.47
C PRO A 13 6.80 -8.25 -4.23
N GLU A 14 5.59 -7.74 -3.99
CA GLU A 14 5.41 -6.30 -3.75
C GLU A 14 4.26 -6.07 -2.79
N ARG A 15 4.32 -4.95 -2.07
CA ARG A 15 3.28 -4.60 -1.11
C ARG A 15 3.21 -3.09 -0.91
N PRO A 16 1.99 -2.58 -0.66
CA PRO A 16 1.77 -1.15 -0.43
C PRO A 16 2.35 -0.67 0.88
N ARG A 17 1.90 0.51 1.33
CA ARG A 17 2.39 1.09 2.57
C ARG A 17 1.34 2.00 3.19
N CYS A 18 1.17 1.91 4.50
CA CYS A 18 0.20 2.73 5.21
C CYS A 18 0.42 4.22 4.93
N ALA A 19 -0.58 5.03 5.22
CA ALA A 19 -0.49 6.47 5.00
C ALA A 19 -0.38 7.23 6.32
N TYR A 20 -0.25 6.47 7.41
CA TYR A 20 -0.14 7.07 8.74
C TYR A 20 1.13 6.59 9.45
N CYS A 21 1.41 5.30 9.30
CA CYS A 21 2.59 4.70 9.93
C CYS A 21 3.58 4.21 8.87
N SER A 22 3.13 4.19 7.62
CA SER A 22 3.98 3.74 6.53
C SER A 22 4.37 2.28 6.70
N ALA A 23 3.42 1.48 7.19
CA ALA A 23 3.66 0.06 7.41
C ALA A 23 2.97 -0.79 6.36
N GLU A 24 3.47 -2.00 6.15
CA GLU A 24 2.90 -2.91 5.17
C GLU A 24 1.37 -2.88 5.22
N ALA A 25 0.76 -2.31 4.18
CA ALA A 25 -0.69 -2.22 4.11
C ALA A 25 -1.29 -3.44 3.42
N SER A 26 -2.54 -3.75 3.73
CA SER A 26 -3.22 -4.89 3.15
C SER A 26 -4.55 -4.48 2.52
N LYS A 27 -5.20 -3.51 3.14
CA LYS A 27 -6.49 -3.00 2.65
C LYS A 27 -6.39 -1.53 2.25
N ARG A 28 -7.03 -1.18 1.15
CA ARG A 28 -7.02 0.19 0.65
C ARG A 28 -8.27 0.94 1.08
N CYS A 29 -8.25 2.26 0.93
CA CYS A 29 -9.39 3.08 1.31
C CYS A 29 -10.66 2.61 0.59
N SER A 30 -11.63 2.15 1.38
CA SER A 30 -12.89 1.67 0.82
C SER A 30 -13.72 2.82 0.27
N ARG A 31 -13.20 4.03 0.42
CA ARG A 31 -13.90 5.22 -0.06
C ARG A 31 -13.50 5.54 -1.50
N CYS A 32 -12.20 5.52 -1.78
CA CYS A 32 -11.69 5.81 -3.11
C CYS A 32 -10.80 4.67 -3.61
N GLN A 33 -10.25 3.90 -2.67
CA GLN A 33 -9.39 2.78 -3.01
C GLN A 33 -8.12 3.27 -3.72
N ASN A 34 -7.70 4.49 -3.39
CA ASN A 34 -6.50 5.07 -3.98
C ASN A 34 -5.39 5.20 -2.95
N GLU A 35 -5.69 4.80 -1.71
CA GLU A 35 -4.71 4.87 -0.64
C GLU A 35 -4.57 3.52 0.06
N TRP A 36 -3.53 3.39 0.87
CA TRP A 36 -3.28 2.14 1.60
C TRP A 36 -3.19 2.40 3.10
N TYR A 37 -3.56 1.39 3.89
CA TYR A 37 -3.53 1.51 5.34
C TYR A 37 -3.44 0.13 5.99
N CYS A 38 -2.42 -0.05 6.83
CA CYS A 38 -2.21 -1.31 7.52
C CYS A 38 -3.41 -1.66 8.40
N CYS A 39 -3.98 -0.65 9.04
CA CYS A 39 -5.13 -0.84 9.90
C CYS A 39 -6.17 0.25 9.68
N ARG A 40 -7.39 -0.01 10.14
CA ARG A 40 -8.49 0.94 9.97
C ARG A 40 -8.17 2.25 10.71
N GLU A 41 -7.72 2.13 11.94
CA GLU A 41 -7.40 3.30 12.76
C GLU A 41 -6.54 4.28 11.96
N CYS A 42 -5.42 3.80 11.42
CA CYS A 42 -4.52 4.63 10.64
C CYS A 42 -5.29 5.40 9.56
N GLN A 43 -6.05 4.66 8.76
CA GLN A 43 -6.84 5.27 7.69
C GLN A 43 -7.75 6.37 8.23
N VAL A 44 -7.92 6.40 9.55
CA VAL A 44 -8.76 7.39 10.20
C VAL A 44 -7.93 8.55 10.72
N LYS A 45 -6.75 8.25 11.22
CA LYS A 45 -5.85 9.27 11.76
C LYS A 45 -5.34 10.18 10.65
N HIS A 46 -4.85 9.58 9.57
CA HIS A 46 -4.33 10.34 8.44
C HIS A 46 -5.47 10.95 7.63
N TRP A 47 -6.69 10.56 7.96
CA TRP A 47 -7.87 11.08 7.26
C TRP A 47 -7.75 12.58 7.02
N GLU A 48 -7.65 13.35 8.10
CA GLU A 48 -7.51 14.80 8.00
C GLU A 48 -6.66 15.19 6.80
N LYS A 49 -5.69 14.34 6.48
CA LYS A 49 -4.80 14.59 5.35
C LYS A 49 -5.28 13.87 4.10
N HIS A 50 -5.85 12.68 4.28
CA HIS A 50 -6.36 11.89 3.17
C HIS A 50 -7.62 12.52 2.59
N GLY A 51 -8.65 12.65 3.43
CA GLY A 51 -9.89 13.24 2.98
C GLY A 51 -9.69 14.34 1.95
N LYS A 52 -8.58 15.06 2.08
CA LYS A 52 -8.26 16.14 1.15
C LYS A 52 -8.35 15.67 -0.30
N THR A 53 -7.66 14.58 -0.60
CA THR A 53 -7.66 14.01 -1.94
C THR A 53 -8.57 12.80 -2.03
N CYS A 54 -9.04 12.33 -0.87
CA CYS A 54 -9.92 11.17 -0.82
C CYS A 54 -11.03 11.27 -1.87
N SER A 55 -11.70 10.16 -2.12
CA SER A 55 -12.79 10.12 -3.09
C SER A 55 -12.25 10.36 -4.50
N GLY A 56 -11.01 9.94 -4.74
CA GLY A 56 -10.39 10.12 -6.04
C GLY A 56 -11.08 9.29 -7.11
N PRO A 57 -11.77 9.98 -8.05
CA PRO A 57 -12.47 9.31 -9.15
C PRO A 57 -11.53 8.69 -10.16
N SER A 58 -11.03 7.50 -9.85
CA SER A 58 -10.10 6.80 -10.72
C SER A 58 -9.17 7.78 -11.43
N SER A 59 -8.67 8.76 -10.68
CA SER A 59 -7.78 9.76 -11.23
C SER A 59 -6.40 9.68 -10.57
N GLY A 60 -6.39 9.69 -9.24
CA GLY A 60 -5.14 9.61 -8.51
C GLY A 60 -4.43 8.29 -8.69
N GLY A 1 41.88 -10.30 -5.90
CA GLY A 1 40.70 -10.28 -5.06
C GLY A 1 39.48 -9.73 -5.78
N SER A 2 39.20 -10.26 -6.96
CA SER A 2 38.06 -9.81 -7.75
C SER A 2 37.12 -10.97 -8.07
N SER A 3 36.24 -11.27 -7.13
CA SER A 3 35.29 -12.36 -7.30
C SER A 3 34.00 -12.08 -6.52
N GLY A 4 32.92 -12.75 -6.92
CA GLY A 4 31.65 -12.56 -6.27
C GLY A 4 30.49 -12.49 -7.24
N SER A 5 30.48 -13.39 -8.22
CA SER A 5 29.42 -13.43 -9.22
C SER A 5 28.05 -13.24 -8.58
N SER A 6 27.14 -12.61 -9.33
CA SER A 6 25.79 -12.36 -8.83
C SER A 6 25.03 -13.67 -8.66
N GLY A 7 24.93 -14.13 -7.41
CA GLY A 7 24.23 -15.38 -7.14
C GLY A 7 22.95 -15.15 -6.35
N LEU A 8 23.08 -15.09 -5.02
CA LEU A 8 21.94 -14.89 -4.15
C LEU A 8 20.91 -13.95 -4.81
N GLU A 9 19.86 -14.53 -5.37
CA GLU A 9 18.82 -13.75 -6.03
C GLU A 9 17.66 -13.49 -5.07
N ALA A 10 17.75 -12.39 -4.33
CA ALA A 10 16.71 -12.02 -3.38
C ALA A 10 15.38 -11.78 -4.09
N VAL A 11 14.55 -12.83 -4.13
CA VAL A 11 13.25 -12.73 -4.77
C VAL A 11 12.13 -12.56 -3.75
N ALA A 12 11.51 -11.38 -3.76
CA ALA A 12 10.42 -11.08 -2.83
C ALA A 12 9.23 -10.46 -3.55
N PRO A 13 8.02 -10.70 -3.01
CA PRO A 13 6.79 -10.17 -3.60
C PRO A 13 6.67 -8.66 -3.45
N GLU A 14 5.49 -8.13 -3.72
CA GLU A 14 5.24 -6.69 -3.63
C GLU A 14 4.12 -6.40 -2.64
N ARG A 15 4.19 -5.23 -2.00
CA ARG A 15 3.19 -4.84 -1.02
C ARG A 15 3.16 -3.32 -0.86
N PRO A 16 1.96 -2.77 -0.62
CA PRO A 16 1.77 -1.33 -0.45
C PRO A 16 2.36 -0.83 0.86
N ARG A 17 1.95 0.38 1.28
CA ARG A 17 2.45 0.97 2.52
C ARG A 17 1.41 1.91 3.11
N CYS A 18 1.25 1.84 4.43
CA CYS A 18 0.30 2.69 5.13
C CYS A 18 0.57 4.17 4.85
N ALA A 19 -0.42 5.01 5.13
CA ALA A 19 -0.29 6.45 4.91
C ALA A 19 -0.18 7.20 6.23
N TYR A 20 -0.12 6.45 7.32
CA TYR A 20 -0.02 7.05 8.65
C TYR A 20 1.22 6.55 9.39
N CYS A 21 1.52 5.26 9.23
CA CYS A 21 2.68 4.66 9.87
C CYS A 21 3.67 4.14 8.83
N SER A 22 3.24 4.12 7.57
CA SER A 22 4.09 3.65 6.48
C SER A 22 4.46 2.18 6.69
N ALA A 23 3.50 1.39 7.13
CA ALA A 23 3.72 -0.03 7.37
C ALA A 23 3.04 -0.89 6.30
N GLU A 24 3.47 -2.13 6.19
CA GLU A 24 2.89 -3.05 5.20
C GLU A 24 1.37 -3.01 5.24
N ALA A 25 0.77 -2.44 4.20
CA ALA A 25 -0.68 -2.34 4.12
C ALA A 25 -1.27 -3.52 3.36
N SER A 26 -2.55 -3.79 3.59
CA SER A 26 -3.23 -4.90 2.94
C SER A 26 -4.57 -4.45 2.36
N LYS A 27 -5.26 -3.57 3.08
CA LYS A 27 -6.54 -3.06 2.64
C LYS A 27 -6.44 -1.59 2.22
N ARG A 28 -7.07 -1.25 1.11
CA ARG A 28 -7.04 0.12 0.61
C ARG A 28 -8.28 0.90 1.07
N CYS A 29 -8.25 2.21 0.87
CA CYS A 29 -9.36 3.06 1.27
C CYS A 29 -10.65 2.61 0.60
N SER A 30 -11.64 2.21 1.42
CA SER A 30 -12.92 1.75 0.91
C SER A 30 -13.74 2.93 0.37
N ARG A 31 -13.15 4.12 0.40
CA ARG A 31 -13.83 5.32 -0.08
C ARG A 31 -13.40 5.64 -1.51
N CYS A 32 -12.10 5.58 -1.77
CA CYS A 32 -11.58 5.86 -3.10
C CYS A 32 -10.68 4.72 -3.58
N GLN A 33 -10.28 3.86 -2.66
CA GLN A 33 -9.41 2.74 -2.99
C GLN A 33 -8.15 3.20 -3.71
N ASN A 34 -7.69 4.40 -3.37
CA ASN A 34 -6.49 4.96 -3.97
C ASN A 34 -5.37 5.10 -2.95
N GLU A 35 -5.65 4.68 -1.72
CA GLU A 35 -4.67 4.77 -0.64
C GLU A 35 -4.52 3.42 0.06
N TRP A 36 -3.49 3.30 0.90
CA TRP A 36 -3.24 2.08 1.64
C TRP A 36 -3.17 2.34 3.14
N TYR A 37 -3.55 1.35 3.94
CA TYR A 37 -3.53 1.48 5.38
C TYR A 37 -3.42 0.11 6.05
N CYS A 38 -2.37 -0.07 6.86
CA CYS A 38 -2.15 -1.33 7.56
C CYS A 38 -3.34 -1.65 8.46
N CYS A 39 -3.92 -0.63 9.07
CA CYS A 39 -5.06 -0.81 9.95
C CYS A 39 -6.10 0.28 9.73
N ARG A 40 -7.32 0.03 10.20
CA ARG A 40 -8.42 0.98 10.04
C ARG A 40 -8.10 2.30 10.75
N GLU A 41 -7.58 2.19 11.97
CA GLU A 41 -7.24 3.36 12.76
C GLU A 41 -6.42 4.36 11.92
N CYS A 42 -5.33 3.87 11.34
CA CYS A 42 -4.46 4.70 10.52
C CYS A 42 -5.27 5.42 9.44
N GLN A 43 -6.10 4.67 8.72
CA GLN A 43 -6.92 5.24 7.66
C GLN A 43 -7.85 6.31 8.21
N VAL A 44 -7.99 6.35 9.53
CA VAL A 44 -8.86 7.32 10.18
C VAL A 44 -8.04 8.49 10.72
N LYS A 45 -6.83 8.21 11.20
CA LYS A 45 -5.96 9.24 11.75
C LYS A 45 -5.44 10.16 10.64
N HIS A 46 -4.95 9.55 9.57
CA HIS A 46 -4.42 10.30 8.44
C HIS A 46 -5.55 10.95 7.63
N TRP A 47 -6.77 10.55 7.93
CA TRP A 47 -7.94 11.09 7.24
C TRP A 47 -7.78 12.59 6.99
N GLU A 48 -7.69 13.35 8.07
CA GLU A 48 -7.53 14.80 7.96
C GLU A 48 -6.66 15.17 6.75
N LYS A 49 -5.63 14.36 6.51
CA LYS A 49 -4.72 14.60 5.40
C LYS A 49 -5.21 13.88 4.14
N HIS A 50 -5.86 12.73 4.34
CA HIS A 50 -6.37 11.95 3.22
C HIS A 50 -7.63 12.60 2.64
N GLY A 51 -8.66 12.73 3.46
CA GLY A 51 -9.90 13.33 3.01
C GLY A 51 -9.67 14.41 1.96
N LYS A 52 -8.58 15.13 2.09
CA LYS A 52 -8.25 16.19 1.14
C LYS A 52 -8.36 15.69 -0.30
N THR A 53 -7.65 14.61 -0.59
CA THR A 53 -7.67 14.03 -1.93
C THR A 53 -8.43 12.71 -1.96
N CYS A 54 -9.24 12.48 -0.92
CA CYS A 54 -10.02 11.26 -0.81
C CYS A 54 -11.17 11.27 -1.81
N SER A 55 -11.78 10.10 -2.02
CA SER A 55 -12.89 9.98 -2.95
C SER A 55 -12.45 10.34 -4.37
N GLY A 56 -11.17 10.16 -4.65
CA GLY A 56 -10.65 10.48 -5.98
C GLY A 56 -11.53 9.94 -7.08
N PRO A 57 -12.27 10.85 -7.74
CA PRO A 57 -13.17 10.49 -8.83
C PRO A 57 -12.42 10.06 -10.09
N SER A 58 -11.10 10.26 -10.08
CA SER A 58 -10.26 9.90 -11.22
C SER A 58 -10.30 8.39 -11.46
N SER A 59 -11.30 7.95 -12.22
CA SER A 59 -11.45 6.53 -12.53
C SER A 59 -10.31 6.04 -13.39
N GLY A 60 -9.60 5.02 -12.89
CA GLY A 60 -8.48 4.47 -13.63
C GLY A 60 -8.88 3.34 -14.55
N GLY A 1 36.15 -29.72 -3.34
CA GLY A 1 36.22 -30.44 -4.60
C GLY A 1 34.89 -30.48 -5.32
N SER A 2 33.82 -30.71 -4.57
CA SER A 2 32.47 -30.77 -5.15
C SER A 2 31.77 -29.43 -5.04
N SER A 3 31.58 -28.77 -6.18
CA SER A 3 30.92 -27.47 -6.22
C SER A 3 29.52 -27.58 -6.81
N GLY A 4 29.42 -28.31 -7.92
CA GLY A 4 28.13 -28.49 -8.57
C GLY A 4 27.72 -27.27 -9.38
N SER A 5 26.85 -26.45 -8.79
CA SER A 5 26.36 -25.24 -9.47
C SER A 5 25.73 -24.28 -8.48
N SER A 6 25.52 -23.04 -8.91
CA SER A 6 24.92 -22.03 -8.06
C SER A 6 23.40 -22.14 -8.07
N GLY A 7 22.74 -21.37 -7.20
CA GLY A 7 21.29 -21.39 -7.13
C GLY A 7 20.72 -20.15 -6.48
N LEU A 8 21.23 -18.99 -6.88
CA LEU A 8 20.77 -17.72 -6.34
C LEU A 8 19.42 -17.33 -6.92
N GLU A 9 18.35 -17.92 -6.38
CA GLU A 9 17.00 -17.63 -6.86
C GLU A 9 16.12 -17.13 -5.73
N ALA A 10 16.02 -15.80 -5.61
CA ALA A 10 15.21 -15.19 -4.57
C ALA A 10 14.18 -14.24 -5.16
N VAL A 11 12.95 -14.72 -5.31
CA VAL A 11 11.87 -13.91 -5.86
C VAL A 11 10.78 -13.65 -4.83
N ALA A 12 10.78 -12.44 -4.27
CA ALA A 12 9.80 -12.06 -3.27
C ALA A 12 8.69 -11.21 -3.88
N PRO A 13 7.48 -11.33 -3.33
CA PRO A 13 6.32 -10.57 -3.80
C PRO A 13 6.42 -9.08 -3.48
N GLU A 14 5.29 -8.38 -3.56
CA GLU A 14 5.27 -6.95 -3.27
C GLU A 14 4.13 -6.61 -2.31
N ARG A 15 4.21 -5.43 -1.71
CA ARG A 15 3.19 -4.98 -0.76
C ARG A 15 3.16 -3.46 -0.67
N PRO A 16 1.96 -2.91 -0.47
CA PRO A 16 1.77 -1.46 -0.36
C PRO A 16 2.35 -0.89 0.93
N ARG A 17 1.94 0.33 1.28
CA ARG A 17 2.43 0.98 2.49
C ARG A 17 1.36 1.89 3.09
N CYS A 18 1.26 1.89 4.42
CA CYS A 18 0.28 2.71 5.11
C CYS A 18 0.52 4.20 4.82
N ALA A 19 -0.47 5.01 5.14
CA ALA A 19 -0.38 6.45 4.92
C ALA A 19 -0.28 7.20 6.24
N TYR A 20 -0.19 6.45 7.34
CA TYR A 20 -0.09 7.04 8.67
C TYR A 20 1.17 6.57 9.39
N CYS A 21 1.49 5.29 9.21
CA CYS A 21 2.68 4.72 9.84
C CYS A 21 3.65 4.21 8.79
N SER A 22 3.21 4.17 7.54
CA SER A 22 4.05 3.70 6.44
C SER A 22 4.46 2.25 6.66
N ALA A 23 3.49 1.40 6.96
CA ALA A 23 3.75 -0.01 7.19
C ALA A 23 3.04 -0.87 6.16
N GLU A 24 3.46 -2.13 6.06
CA GLU A 24 2.86 -3.06 5.11
C GLU A 24 1.33 -3.03 5.21
N ALA A 25 0.70 -2.44 4.20
CA ALA A 25 -0.75 -2.34 4.17
C ALA A 25 -1.36 -3.55 3.47
N SER A 26 -2.63 -3.84 3.78
CA SER A 26 -3.33 -4.96 3.18
C SER A 26 -4.65 -4.53 2.56
N LYS A 27 -5.30 -3.54 3.18
CA LYS A 27 -6.56 -3.03 2.69
C LYS A 27 -6.43 -1.56 2.27
N ARG A 28 -7.10 -1.19 1.18
CA ARG A 28 -7.05 0.17 0.69
C ARG A 28 -8.29 0.95 1.13
N CYS A 29 -8.24 2.26 0.95
CA CYS A 29 -9.36 3.13 1.33
C CYS A 29 -10.65 2.69 0.64
N SER A 30 -11.62 2.24 1.44
CA SER A 30 -12.89 1.78 0.91
C SER A 30 -13.70 2.94 0.37
N ARG A 31 -13.14 4.15 0.46
CA ARG A 31 -13.81 5.35 -0.02
C ARG A 31 -13.43 5.64 -1.47
N CYS A 32 -12.14 5.58 -1.75
CA CYS A 32 -11.63 5.84 -3.09
C CYS A 32 -10.78 4.69 -3.60
N GLN A 33 -10.23 3.91 -2.66
CA GLN A 33 -9.39 2.78 -2.99
C GLN A 33 -8.12 3.24 -3.70
N ASN A 34 -7.66 4.44 -3.37
CA ASN A 34 -6.46 4.99 -3.98
C ASN A 34 -5.34 5.13 -2.96
N GLU A 35 -5.62 4.70 -1.73
CA GLU A 35 -4.63 4.76 -0.65
C GLU A 35 -4.51 3.42 0.05
N TRP A 36 -3.48 3.29 0.89
CA TRP A 36 -3.24 2.06 1.63
C TRP A 36 -3.16 2.33 3.13
N TYR A 37 -3.54 1.33 3.93
CA TYR A 37 -3.51 1.47 5.38
C TYR A 37 -3.39 0.10 6.04
N CYS A 38 -2.38 -0.06 6.90
CA CYS A 38 -2.16 -1.31 7.60
C CYS A 38 -3.34 -1.64 8.50
N CYS A 39 -3.90 -0.62 9.13
CA CYS A 39 -5.03 -0.80 10.03
C CYS A 39 -6.07 0.29 9.82
N ARG A 40 -7.33 -0.02 10.15
CA ARG A 40 -8.42 0.94 9.98
C ARG A 40 -8.11 2.24 10.72
N GLU A 41 -7.62 2.13 11.94
CA GLU A 41 -7.29 3.30 12.75
C GLU A 41 -6.46 4.29 11.94
N CYS A 42 -5.37 3.82 11.36
CA CYS A 42 -4.49 4.66 10.56
C CYS A 42 -5.28 5.40 9.49
N GLN A 43 -6.08 4.65 8.74
CA GLN A 43 -6.89 5.23 7.67
C GLN A 43 -7.81 6.32 8.22
N VAL A 44 -7.93 6.37 9.53
CA VAL A 44 -8.78 7.38 10.18
C VAL A 44 -7.94 8.54 10.71
N LYS A 45 -6.75 8.22 11.20
CA LYS A 45 -5.85 9.24 11.73
C LYS A 45 -5.34 10.16 10.62
N HIS A 46 -4.87 9.57 9.54
CA HIS A 46 -4.35 10.33 8.41
C HIS A 46 -5.49 10.96 7.62
N TRP A 47 -6.71 10.54 7.91
CA TRP A 47 -7.89 11.06 7.24
C TRP A 47 -7.78 12.57 7.02
N GLU A 48 -7.72 13.31 8.13
CA GLU A 48 -7.60 14.76 8.06
C GLU A 48 -6.73 15.19 6.89
N LYS A 49 -5.77 14.36 6.54
CA LYS A 49 -4.86 14.64 5.43
C LYS A 49 -5.32 13.93 4.16
N HIS A 50 -5.89 12.74 4.32
CA HIS A 50 -6.37 11.96 3.19
C HIS A 50 -7.61 12.59 2.58
N GLY A 51 -8.66 12.73 3.38
CA GLY A 51 -9.89 13.32 2.90
C GLY A 51 -9.65 14.41 1.87
N LYS A 52 -8.55 15.13 2.03
CA LYS A 52 -8.20 16.21 1.10
C LYS A 52 -8.27 15.73 -0.33
N THR A 53 -7.63 14.59 -0.61
CA THR A 53 -7.62 14.03 -1.95
C THR A 53 -8.60 12.87 -2.08
N CYS A 54 -9.06 12.38 -0.93
CA CYS A 54 -10.01 11.28 -0.91
C CYS A 54 -11.17 11.53 -1.88
N SER A 55 -11.98 10.50 -2.11
CA SER A 55 -13.11 10.61 -3.01
C SER A 55 -12.67 11.10 -4.39
N GLY A 56 -11.51 10.63 -4.83
CA GLY A 56 -10.99 11.04 -6.12
C GLY A 56 -11.92 10.67 -7.26
N PRO A 57 -11.38 9.94 -8.25
CA PRO A 57 -12.15 9.51 -9.43
C PRO A 57 -13.19 8.44 -9.08
N SER A 58 -13.06 7.87 -7.89
CA SER A 58 -13.98 6.83 -7.43
C SER A 58 -15.43 7.30 -7.57
N SER A 59 -15.70 8.51 -7.11
CA SER A 59 -17.05 9.07 -7.18
C SER A 59 -17.05 10.53 -6.75
N GLY A 60 -18.16 11.22 -7.00
CA GLY A 60 -18.27 12.62 -6.63
C GLY A 60 -19.66 13.18 -6.89
N GLY A 1 41.34 -15.78 8.82
CA GLY A 1 39.95 -15.39 8.74
C GLY A 1 39.03 -16.56 8.46
N SER A 2 37.73 -16.35 8.61
CA SER A 2 36.74 -17.40 8.38
C SER A 2 35.78 -17.00 7.27
N SER A 3 35.29 -15.76 7.33
CA SER A 3 34.35 -15.26 6.33
C SER A 3 33.13 -16.16 6.22
N GLY A 4 32.63 -16.61 7.37
CA GLY A 4 31.47 -17.48 7.39
C GLY A 4 30.17 -16.71 7.33
N SER A 5 29.82 -16.20 6.14
CA SER A 5 28.60 -15.44 5.97
C SER A 5 27.41 -16.36 5.74
N SER A 6 26.21 -15.86 6.02
CA SER A 6 24.99 -16.63 5.85
C SER A 6 24.25 -16.21 4.58
N GLY A 7 23.32 -17.05 4.14
CA GLY A 7 22.55 -16.75 2.95
C GLY A 7 21.06 -16.71 3.21
N LEU A 8 20.41 -15.66 2.71
CA LEU A 8 18.97 -15.49 2.89
C LEU A 8 18.23 -15.71 1.58
N GLU A 9 17.71 -16.92 1.39
CA GLU A 9 16.98 -17.25 0.17
C GLU A 9 15.47 -17.20 0.42
N ALA A 10 14.90 -16.01 0.25
CA ALA A 10 13.47 -15.81 0.45
C ALA A 10 12.90 -14.85 -0.57
N VAL A 11 12.17 -15.39 -1.56
CA VAL A 11 11.57 -14.57 -2.59
C VAL A 11 10.13 -14.20 -2.24
N ALA A 12 9.93 -12.93 -1.91
CA ALA A 12 8.61 -12.44 -1.54
C ALA A 12 8.12 -11.38 -2.54
N PRO A 13 6.80 -11.33 -2.74
CA PRO A 13 6.18 -10.37 -3.66
C PRO A 13 6.27 -8.93 -3.16
N GLU A 14 5.47 -8.05 -3.74
CA GLU A 14 5.47 -6.64 -3.35
C GLU A 14 4.26 -6.33 -2.46
N ARG A 15 4.34 -5.21 -1.74
CA ARG A 15 3.26 -4.81 -0.85
C ARG A 15 3.24 -3.29 -0.69
N PRO A 16 2.04 -2.72 -0.49
CA PRO A 16 1.86 -1.28 -0.31
C PRO A 16 2.41 -0.79 1.02
N ARG A 17 2.01 0.41 1.42
CA ARG A 17 2.46 0.99 2.67
C ARG A 17 1.41 1.93 3.25
N CYS A 18 1.21 1.85 4.57
CA CYS A 18 0.23 2.69 5.24
C CYS A 18 0.48 4.16 4.95
N ALA A 19 -0.52 4.99 5.23
CA ALA A 19 -0.41 6.43 5.00
C ALA A 19 -0.32 7.19 6.32
N TYR A 20 -0.25 6.46 7.41
CA TYR A 20 -0.16 7.07 8.74
C TYR A 20 1.07 6.56 9.49
N CYS A 21 1.38 5.29 9.33
CA CYS A 21 2.51 4.68 9.99
C CYS A 21 3.53 4.15 8.97
N SER A 22 3.12 4.16 7.70
CA SER A 22 3.99 3.68 6.62
C SER A 22 4.35 2.21 6.83
N ALA A 23 3.39 1.43 7.32
CA ALA A 23 3.61 0.01 7.56
C ALA A 23 2.94 -0.83 6.49
N GLU A 24 3.45 -2.05 6.30
CA GLU A 24 2.90 -2.97 5.29
C GLU A 24 1.37 -2.94 5.33
N ALA A 25 0.77 -2.38 4.27
CA ALA A 25 -0.68 -2.30 4.17
C ALA A 25 -1.25 -3.51 3.45
N SER A 26 -2.52 -3.81 3.72
CA SER A 26 -3.18 -4.95 3.10
C SER A 26 -4.48 -4.52 2.44
N LYS A 27 -5.17 -3.57 3.06
CA LYS A 27 -6.44 -3.07 2.54
C LYS A 27 -6.32 -1.59 2.17
N ARG A 28 -6.98 -1.21 1.07
CA ARG A 28 -6.96 0.17 0.62
C ARG A 28 -8.23 0.91 1.03
N CYS A 29 -8.21 2.23 0.93
CA CYS A 29 -9.35 3.05 1.29
C CYS A 29 -10.60 2.60 0.54
N SER A 30 -11.55 2.03 1.27
CA SER A 30 -12.80 1.55 0.67
C SER A 30 -13.61 2.72 0.12
N ARG A 31 -13.14 3.93 0.37
CA ARG A 31 -13.83 5.14 -0.11
C ARG A 31 -13.43 5.45 -1.54
N CYS A 32 -12.13 5.54 -1.79
CA CYS A 32 -11.62 5.85 -3.12
C CYS A 32 -10.72 4.71 -3.63
N GLN A 33 -10.14 3.96 -2.70
CA GLN A 33 -9.27 2.85 -3.06
C GLN A 33 -8.00 3.35 -3.74
N ASN A 34 -7.58 4.56 -3.39
CA ASN A 34 -6.38 5.17 -3.96
C ASN A 34 -5.28 5.31 -2.91
N GLU A 35 -5.54 4.77 -1.72
CA GLU A 35 -4.58 4.84 -0.62
C GLU A 35 -4.45 3.49 0.07
N TRP A 36 -3.43 3.37 0.92
CA TRP A 36 -3.20 2.13 1.66
C TRP A 36 -3.14 2.38 3.16
N TYR A 37 -3.54 1.38 3.93
CA TYR A 37 -3.54 1.51 5.38
C TYR A 37 -3.46 0.13 6.05
N CYS A 38 -2.43 -0.06 6.88
CA CYS A 38 -2.24 -1.33 7.56
C CYS A 38 -3.45 -1.66 8.44
N CYS A 39 -4.03 -0.64 9.05
CA CYS A 39 -5.19 -0.83 9.90
C CYS A 39 -6.23 0.26 9.66
N ARG A 40 -7.45 0.03 10.15
CA ARG A 40 -8.53 0.99 9.98
C ARG A 40 -8.21 2.30 10.70
N GLU A 41 -7.77 2.19 11.94
CA GLU A 41 -7.43 3.36 12.75
C GLU A 41 -6.58 4.34 11.94
N CYS A 42 -5.47 3.85 11.39
CA CYS A 42 -4.57 4.67 10.61
C CYS A 42 -5.33 5.42 9.52
N GLN A 43 -6.12 4.68 8.74
CA GLN A 43 -6.91 5.29 7.66
C GLN A 43 -7.82 6.38 8.20
N VAL A 44 -7.96 6.44 9.52
CA VAL A 44 -8.80 7.44 10.16
C VAL A 44 -7.97 8.60 10.71
N LYS A 45 -6.78 8.27 11.23
CA LYS A 45 -5.89 9.26 11.79
C LYS A 45 -5.35 10.19 10.69
N HIS A 46 -4.87 9.59 9.61
CA HIS A 46 -4.33 10.35 8.48
C HIS A 46 -5.45 10.98 7.66
N TRP A 47 -6.69 10.60 7.97
CA TRP A 47 -7.85 11.12 7.25
C TRP A 47 -7.69 12.60 6.95
N GLU A 48 -7.56 13.41 8.01
CA GLU A 48 -7.39 14.85 7.86
C GLU A 48 -6.54 15.17 6.63
N LYS A 49 -5.51 14.37 6.40
CA LYS A 49 -4.62 14.57 5.26
C LYS A 49 -5.14 13.82 4.04
N HIS A 50 -5.78 12.67 4.26
CA HIS A 50 -6.32 11.87 3.18
C HIS A 50 -7.61 12.48 2.64
N GLY A 51 -8.63 12.57 3.49
CA GLY A 51 -9.90 13.12 3.08
C GLY A 51 -9.73 14.25 2.08
N LYS A 52 -8.63 14.99 2.20
CA LYS A 52 -8.36 16.11 1.31
C LYS A 52 -8.45 15.67 -0.15
N THR A 53 -7.79 14.56 -0.48
CA THR A 53 -7.80 14.04 -1.84
C THR A 53 -8.73 12.85 -1.96
N CYS A 54 -9.18 12.33 -0.82
CA CYS A 54 -10.08 11.18 -0.80
C CYS A 54 -11.24 11.39 -1.77
N SER A 55 -11.99 10.33 -2.04
CA SER A 55 -13.12 10.39 -2.95
C SER A 55 -12.70 10.95 -4.30
N GLY A 56 -11.56 10.49 -4.80
CA GLY A 56 -11.07 10.96 -6.08
C GLY A 56 -11.97 10.56 -7.24
N PRO A 57 -11.55 9.52 -7.99
CA PRO A 57 -12.32 9.02 -9.13
C PRO A 57 -13.60 8.33 -8.71
N SER A 58 -13.75 8.09 -7.41
CA SER A 58 -14.93 7.42 -6.88
C SER A 58 -16.16 8.33 -7.00
N SER A 59 -17.14 7.87 -7.76
CA SER A 59 -18.38 8.64 -7.95
C SER A 59 -18.06 10.06 -8.42
N GLY A 60 -17.26 10.16 -9.48
CA GLY A 60 -16.89 11.47 -10.01
C GLY A 60 -15.72 11.39 -10.98
N GLY A 1 0.28 -23.85 -28.44
CA GLY A 1 1.10 -23.82 -27.24
C GLY A 1 1.32 -22.41 -26.73
N SER A 2 0.45 -21.97 -25.83
CA SER A 2 0.55 -20.63 -25.26
C SER A 2 0.93 -20.70 -23.78
N SER A 3 1.85 -21.59 -23.45
CA SER A 3 2.29 -21.76 -22.08
C SER A 3 3.67 -21.13 -21.87
N GLY A 4 4.61 -21.48 -22.75
CA GLY A 4 5.95 -20.95 -22.65
C GLY A 4 6.82 -21.73 -21.67
N SER A 5 7.67 -21.02 -20.92
CA SER A 5 8.55 -21.66 -19.96
C SER A 5 8.46 -20.97 -18.60
N SER A 6 8.87 -21.67 -17.56
CA SER A 6 8.83 -21.14 -16.20
C SER A 6 9.55 -19.79 -16.13
N GLY A 7 9.55 -19.19 -14.95
CA GLY A 7 10.21 -17.91 -14.77
C GLY A 7 11.49 -18.02 -13.96
N LEU A 8 12.59 -18.31 -14.65
CA LEU A 8 13.88 -18.45 -13.99
C LEU A 8 14.51 -17.08 -13.75
N GLU A 9 14.09 -16.42 -12.68
CA GLU A 9 14.62 -15.10 -12.34
C GLU A 9 14.10 -14.64 -10.98
N ALA A 10 14.96 -13.94 -10.24
CA ALA A 10 14.60 -13.45 -8.92
C ALA A 10 13.22 -12.80 -8.93
N VAL A 11 12.20 -13.56 -8.52
CA VAL A 11 10.83 -13.07 -8.49
C VAL A 11 10.31 -13.00 -7.05
N ALA A 12 10.15 -11.79 -6.55
CA ALA A 12 9.65 -11.58 -5.18
C ALA A 12 8.35 -10.80 -5.20
N PRO A 13 7.50 -11.06 -4.19
CA PRO A 13 6.20 -10.38 -4.06
C PRO A 13 6.35 -8.91 -3.68
N GLU A 14 5.23 -8.21 -3.60
CA GLU A 14 5.24 -6.79 -3.24
C GLU A 14 4.04 -6.44 -2.36
N ARG A 15 4.14 -5.32 -1.66
CA ARG A 15 3.07 -4.87 -0.77
C ARG A 15 3.09 -3.36 -0.62
N PRO A 16 1.89 -2.76 -0.43
CA PRO A 16 1.74 -1.32 -0.27
C PRO A 16 2.32 -0.82 1.06
N ARG A 17 1.93 0.38 1.45
CA ARG A 17 2.39 0.97 2.69
C ARG A 17 1.34 1.91 3.28
N CYS A 18 1.18 1.85 4.60
CA CYS A 18 0.21 2.68 5.29
C CYS A 18 0.46 4.16 4.99
N ALA A 19 -0.54 4.99 5.27
CA ALA A 19 -0.44 6.42 5.04
C ALA A 19 -0.32 7.19 6.36
N TYR A 20 -0.25 6.45 7.46
CA TYR A 20 -0.14 7.05 8.78
C TYR A 20 1.11 6.55 9.51
N CYS A 21 1.38 5.26 9.38
CA CYS A 21 2.55 4.66 10.03
C CYS A 21 3.53 4.13 8.99
N SER A 22 3.12 4.15 7.73
CA SER A 22 3.96 3.67 6.64
C SER A 22 4.30 2.19 6.82
N ALA A 23 3.35 1.44 7.38
CA ALA A 23 3.56 0.01 7.61
C ALA A 23 2.90 -0.82 6.51
N GLU A 24 3.44 -2.01 6.28
CA GLU A 24 2.91 -2.90 5.25
C GLU A 24 1.38 -2.91 5.28
N ALA A 25 0.77 -2.33 4.25
CA ALA A 25 -0.68 -2.26 4.17
C ALA A 25 -1.24 -3.49 3.42
N SER A 26 -2.49 -3.81 3.69
CA SER A 26 -3.14 -4.96 3.05
C SER A 26 -4.45 -4.54 2.41
N LYS A 27 -5.11 -3.54 2.98
CA LYS A 27 -6.37 -3.05 2.46
C LYS A 27 -6.29 -1.56 2.11
N ARG A 28 -6.98 -1.17 1.06
CA ARG A 28 -6.98 0.22 0.62
C ARG A 28 -8.25 0.94 1.08
N CYS A 29 -8.26 2.26 0.95
CA CYS A 29 -9.41 3.07 1.35
C CYS A 29 -10.67 2.58 0.65
N SER A 30 -11.60 2.04 1.43
CA SER A 30 -12.85 1.54 0.89
C SER A 30 -13.72 2.68 0.37
N ARG A 31 -13.23 3.90 0.54
CA ARG A 31 -13.95 5.09 0.10
C ARG A 31 -13.61 5.43 -1.34
N CYS A 32 -12.32 5.47 -1.64
CA CYS A 32 -11.84 5.79 -2.99
C CYS A 32 -10.95 4.68 -3.53
N GLN A 33 -10.33 3.93 -2.61
CA GLN A 33 -9.44 2.83 -3.00
C GLN A 33 -8.19 3.37 -3.69
N ASN A 34 -7.73 4.54 -3.26
CA ASN A 34 -6.55 5.16 -3.84
C ASN A 34 -5.45 5.31 -2.79
N GLU A 35 -5.71 4.81 -1.59
CA GLU A 35 -4.73 4.89 -0.50
C GLU A 35 -4.60 3.54 0.20
N TRP A 36 -3.52 3.38 0.95
CA TRP A 36 -3.25 2.14 1.68
C TRP A 36 -3.18 2.40 3.18
N TYR A 37 -3.58 1.40 3.97
CA TYR A 37 -3.56 1.53 5.41
C TYR A 37 -3.49 0.14 6.07
N CYS A 38 -2.45 -0.07 6.87
CA CYS A 38 -2.26 -1.34 7.56
C CYS A 38 -3.47 -1.67 8.43
N CYS A 39 -4.02 -0.64 9.06
CA CYS A 39 -5.19 -0.82 9.94
C CYS A 39 -6.21 0.28 9.71
N ARG A 40 -7.46 0.02 10.12
CA ARG A 40 -8.52 0.99 9.95
C ARG A 40 -8.21 2.29 10.69
N GLU A 41 -7.80 2.16 11.94
CA GLU A 41 -7.46 3.33 12.76
C GLU A 41 -6.59 4.30 11.97
N CYS A 42 -5.51 3.79 11.41
CA CYS A 42 -4.59 4.61 10.64
C CYS A 42 -5.33 5.38 9.55
N GLN A 43 -6.14 4.66 8.78
CA GLN A 43 -6.90 5.27 7.69
C GLN A 43 -7.80 6.39 8.23
N VAL A 44 -7.97 6.43 9.54
CA VAL A 44 -8.80 7.45 10.18
C VAL A 44 -7.95 8.58 10.74
N LYS A 45 -6.73 8.25 11.15
CA LYS A 45 -5.81 9.23 11.72
C LYS A 45 -5.28 10.16 10.62
N HIS A 46 -4.85 9.57 9.52
CA HIS A 46 -4.32 10.33 8.39
C HIS A 46 -5.45 11.00 7.61
N TRP A 47 -6.68 10.63 7.93
CA TRP A 47 -7.84 11.18 7.25
C TRP A 47 -7.68 12.69 7.05
N GLU A 48 -7.48 13.41 8.14
CA GLU A 48 -7.30 14.86 8.08
C GLU A 48 -6.55 15.27 6.81
N LYS A 49 -5.61 14.42 6.39
CA LYS A 49 -4.82 14.68 5.19
C LYS A 49 -5.39 13.93 3.99
N HIS A 50 -5.75 12.67 4.21
CA HIS A 50 -6.30 11.85 3.13
C HIS A 50 -7.60 12.44 2.61
N GLY A 51 -8.56 12.63 3.50
CA GLY A 51 -9.84 13.19 3.12
C GLY A 51 -9.71 14.28 2.06
N LYS A 52 -8.60 15.01 2.12
CA LYS A 52 -8.34 16.09 1.17
C LYS A 52 -8.43 15.58 -0.26
N THR A 53 -7.76 14.46 -0.53
CA THR A 53 -7.75 13.88 -1.86
C THR A 53 -8.70 12.69 -1.94
N CYS A 54 -9.18 12.24 -0.79
CA CYS A 54 -10.09 11.11 -0.72
C CYS A 54 -11.26 11.30 -1.69
N SER A 55 -11.99 10.21 -1.94
CA SER A 55 -13.12 10.25 -2.86
C SER A 55 -12.69 10.71 -4.24
N GLY A 56 -11.52 10.24 -4.67
CA GLY A 56 -11.01 10.60 -5.98
C GLY A 56 -11.90 10.12 -7.10
N PRO A 57 -11.42 9.10 -7.85
CA PRO A 57 -12.17 8.53 -8.96
C PRO A 57 -13.40 7.74 -8.51
N SER A 58 -14.57 8.19 -8.95
CA SER A 58 -15.82 7.53 -8.58
C SER A 58 -15.86 6.11 -9.11
N SER A 59 -16.84 5.33 -8.63
CA SER A 59 -16.98 3.94 -9.06
C SER A 59 -18.38 3.69 -9.62
N GLY A 60 -19.39 3.91 -8.78
CA GLY A 60 -20.76 3.70 -9.21
C GLY A 60 -21.05 2.26 -9.56
N GLY A 1 32.52 -32.83 -15.35
CA GLY A 1 32.56 -33.41 -14.03
C GLY A 1 31.29 -33.16 -13.25
N SER A 2 31.24 -33.68 -12.02
CA SER A 2 30.06 -33.50 -11.18
C SER A 2 30.29 -32.40 -10.14
N SER A 3 30.39 -31.17 -10.62
CA SER A 3 30.61 -30.02 -9.74
C SER A 3 30.24 -28.73 -10.44
N GLY A 4 30.03 -27.68 -9.65
CA GLY A 4 29.67 -26.38 -10.21
C GLY A 4 28.17 -26.22 -10.36
N SER A 5 27.50 -25.91 -9.25
CA SER A 5 26.06 -25.71 -9.25
C SER A 5 25.70 -24.24 -9.41
N SER A 6 24.61 -23.97 -10.12
CA SER A 6 24.16 -22.60 -10.35
C SER A 6 22.65 -22.55 -10.53
N GLY A 7 22.09 -21.34 -10.46
CA GLY A 7 20.66 -21.18 -10.62
C GLY A 7 20.01 -20.57 -9.39
N LEU A 8 20.41 -19.36 -9.04
CA LEU A 8 19.87 -18.67 -7.87
C LEU A 8 18.83 -17.64 -8.30
N GLU A 9 17.56 -18.00 -8.15
CA GLU A 9 16.47 -17.09 -8.51
C GLU A 9 15.56 -16.82 -7.31
N ALA A 10 15.69 -15.63 -6.74
CA ALA A 10 14.88 -15.25 -5.59
C ALA A 10 13.76 -14.30 -5.99
N VAL A 11 12.54 -14.82 -6.08
CA VAL A 11 11.38 -14.03 -6.45
C VAL A 11 10.49 -13.76 -5.25
N ALA A 12 10.60 -12.57 -4.68
CA ALA A 12 9.80 -12.17 -3.53
C ALA A 12 8.57 -11.38 -3.96
N PRO A 13 7.49 -11.51 -3.19
CA PRO A 13 6.23 -10.80 -3.46
C PRO A 13 6.34 -9.30 -3.22
N GLU A 14 5.20 -8.63 -3.15
CA GLU A 14 5.17 -7.19 -2.92
C GLU A 14 3.99 -6.80 -2.03
N ARG A 15 4.06 -5.61 -1.46
CA ARG A 15 3.00 -5.12 -0.59
C ARG A 15 3.02 -3.59 -0.51
N PRO A 16 1.84 -2.99 -0.33
CA PRO A 16 1.69 -1.54 -0.23
C PRO A 16 2.29 -0.98 1.07
N ARG A 17 1.93 0.26 1.39
CA ARG A 17 2.42 0.90 2.60
C ARG A 17 1.38 1.86 3.18
N CYS A 18 1.21 1.81 4.50
CA CYS A 18 0.24 2.67 5.17
C CYS A 18 0.50 4.13 4.85
N ALA A 19 -0.51 4.97 5.07
CA ALA A 19 -0.40 6.39 4.80
C ALA A 19 -0.28 7.18 6.11
N TYR A 20 -0.21 6.47 7.23
CA TYR A 20 -0.09 7.10 8.53
C TYR A 20 1.17 6.63 9.25
N CYS A 21 1.43 5.32 9.16
CA CYS A 21 2.60 4.74 9.81
C CYS A 21 3.58 4.20 8.77
N SER A 22 3.15 4.19 7.51
CA SER A 22 3.99 3.69 6.43
C SER A 22 4.39 2.24 6.66
N ALA A 23 3.44 1.45 7.19
CA ALA A 23 3.69 0.04 7.45
C ALA A 23 2.97 -0.84 6.45
N GLU A 24 3.48 -2.06 6.26
CA GLU A 24 2.88 -3.00 5.33
C GLU A 24 1.36 -2.92 5.37
N ALA A 25 0.77 -2.38 4.31
CA ALA A 25 -0.68 -2.25 4.23
C ALA A 25 -1.31 -3.49 3.62
N SER A 26 -2.58 -3.73 3.95
CA SER A 26 -3.30 -4.90 3.44
C SER A 26 -4.62 -4.48 2.80
N LYS A 27 -5.25 -3.46 3.38
CA LYS A 27 -6.52 -2.96 2.85
C LYS A 27 -6.39 -1.51 2.41
N ARG A 28 -7.04 -1.17 1.30
CA ARG A 28 -7.01 0.18 0.76
C ARG A 28 -8.24 0.97 1.20
N CYS A 29 -8.19 2.29 1.00
CA CYS A 29 -9.30 3.15 1.36
C CYS A 29 -10.60 2.70 0.70
N SER A 30 -11.57 2.29 1.50
CA SER A 30 -12.85 1.83 0.99
C SER A 30 -13.67 2.99 0.42
N ARG A 31 -13.10 4.19 0.49
CA ARG A 31 -13.76 5.38 -0.01
C ARG A 31 -13.36 5.66 -1.45
N CYS A 32 -12.05 5.59 -1.72
CA CYS A 32 -11.54 5.84 -3.05
C CYS A 32 -10.68 4.67 -3.54
N GLN A 33 -10.16 3.90 -2.58
CA GLN A 33 -9.32 2.76 -2.91
C GLN A 33 -8.04 3.19 -3.62
N ASN A 34 -7.64 4.43 -3.37
CA ASN A 34 -6.43 4.97 -3.99
C ASN A 34 -5.29 5.07 -2.98
N GLU A 35 -5.61 4.75 -1.72
CA GLU A 35 -4.61 4.79 -0.66
C GLU A 35 -4.50 3.44 0.04
N TRP A 36 -3.47 3.29 0.86
CA TRP A 36 -3.24 2.04 1.60
C TRP A 36 -3.16 2.31 3.09
N TYR A 37 -3.51 1.30 3.89
CA TYR A 37 -3.47 1.42 5.34
C TYR A 37 -3.33 0.05 5.99
N CYS A 38 -2.40 -0.06 6.93
CA CYS A 38 -2.16 -1.31 7.64
C CYS A 38 -3.34 -1.66 8.55
N CYS A 39 -3.94 -0.63 9.14
CA CYS A 39 -5.08 -0.82 10.03
C CYS A 39 -6.14 0.24 9.79
N ARG A 40 -7.36 -0.04 10.26
CA ARG A 40 -8.47 0.90 10.09
C ARG A 40 -8.17 2.23 10.78
N GLU A 41 -7.62 2.16 11.98
CA GLU A 41 -7.29 3.36 12.75
C GLU A 41 -6.49 4.34 11.89
N CYS A 42 -5.37 3.87 11.35
CA CYS A 42 -4.52 4.72 10.51
C CYS A 42 -5.34 5.39 9.41
N GLN A 43 -6.11 4.60 8.68
CA GLN A 43 -6.93 5.12 7.60
C GLN A 43 -7.86 6.22 8.10
N VAL A 44 -7.96 6.33 9.42
CA VAL A 44 -8.82 7.34 10.03
C VAL A 44 -7.99 8.51 10.57
N LYS A 45 -6.83 8.18 11.14
CA LYS A 45 -5.94 9.20 11.69
C LYS A 45 -5.43 10.13 10.60
N HIS A 46 -4.91 9.54 9.52
CA HIS A 46 -4.39 10.32 8.40
C HIS A 46 -5.53 10.96 7.61
N TRP A 47 -6.75 10.52 7.87
CA TRP A 47 -7.92 11.05 7.19
C TRP A 47 -7.78 12.54 6.94
N GLU A 48 -7.65 13.31 8.02
CA GLU A 48 -7.51 14.76 7.92
C GLU A 48 -6.67 15.13 6.71
N LYS A 49 -5.60 14.37 6.47
CA LYS A 49 -4.71 14.62 5.34
C LYS A 49 -5.20 13.92 4.09
N HIS A 50 -5.80 12.74 4.29
CA HIS A 50 -6.32 11.96 3.16
C HIS A 50 -7.58 12.59 2.59
N GLY A 51 -8.63 12.65 3.42
CA GLY A 51 -9.88 13.23 2.98
C GLY A 51 -9.69 14.36 2.00
N LYS A 52 -8.60 15.12 2.17
CA LYS A 52 -8.31 16.25 1.30
C LYS A 52 -8.37 15.83 -0.17
N THR A 53 -7.71 14.72 -0.49
CA THR A 53 -7.68 14.22 -1.86
C THR A 53 -8.61 13.01 -2.01
N CYS A 54 -9.06 12.48 -0.88
CA CYS A 54 -9.94 11.32 -0.88
C CYS A 54 -11.08 11.51 -1.88
N SER A 55 -11.80 10.42 -2.17
CA SER A 55 -12.90 10.47 -3.10
C SER A 55 -12.43 10.89 -4.50
N GLY A 56 -11.24 10.43 -4.87
CA GLY A 56 -10.69 10.76 -6.17
C GLY A 56 -11.52 10.23 -7.31
N PRO A 57 -10.92 9.39 -8.15
CA PRO A 57 -11.60 8.79 -9.30
C PRO A 57 -12.66 7.77 -8.89
N SER A 58 -13.83 8.27 -8.50
CA SER A 58 -14.93 7.41 -8.07
C SER A 58 -16.12 7.54 -9.02
N SER A 59 -16.33 6.51 -9.83
CA SER A 59 -17.44 6.51 -10.80
C SER A 59 -18.69 5.89 -10.18
N GLY A 60 -18.96 6.24 -8.93
CA GLY A 60 -20.12 5.70 -8.24
C GLY A 60 -20.57 6.59 -7.09
#